data_3EYB
#
_entry.id   3EYB
#
_cell.length_a   78.723
_cell.length_b   96.120
_cell.length_c   131.343
_cell.angle_alpha   90.00
_cell.angle_beta   90.00
_cell.angle_gamma   90.00
#
_symmetry.space_group_name_H-M   'P 21 21 21'
#
loop_
_entity.id
_entity.type
_entity.pdbx_description
1 polymer 'Nuclear hormone receptor RXR'
2 water water
#
_entity_poly.entity_id   1
_entity_poly.type   'polypeptide(L)'
_entity_poly.pdbx_seq_one_letter_code
;DMPVEKIQEAEMAVEPKDGNMVEQPNDPVTNICQAADKQLVTLVEWAKRIPHFSDLPIDDQVILLRAGWNELLIAAFSHR
SIDVKDGILLASGLHVHRSSAHQAGVGTIFDRVLTELVAKMRDMKMDKTELGCLRAIVLFNPDAKGLTDPSLVESLREKV
YASLEEYCKQQYPEQPGRFAKLLLRLPALRSIGLKCLEHLFFFKLIGDTPIDTFLMEML
;
_entity_poly.pdbx_strand_id   A,B,C,D
#
# COMPACT_ATOMS: atom_id res chain seq x y z
N ASP A 1 5.86 -38.41 -14.52
CA ASP A 1 7.03 -37.62 -15.01
C ASP A 1 6.58 -36.17 -15.27
N MET A 2 7.57 -35.30 -15.56
CA MET A 2 7.30 -33.91 -15.89
C MET A 2 8.19 -33.53 -17.07
N PRO A 3 7.78 -33.95 -18.31
CA PRO A 3 8.65 -33.80 -19.48
C PRO A 3 8.64 -32.37 -20.00
N VAL A 4 9.83 -31.76 -20.12
CA VAL A 4 9.92 -30.36 -20.58
C VAL A 4 9.23 -30.09 -21.93
N GLU A 5 9.28 -31.04 -22.86
CA GLU A 5 8.70 -30.79 -24.16
C GLU A 5 7.20 -30.59 -24.06
N LYS A 6 6.59 -31.22 -23.07
CA LYS A 6 5.14 -31.07 -22.89
C LYS A 6 4.83 -29.68 -22.34
N ILE A 7 5.73 -29.12 -21.55
CA ILE A 7 5.64 -27.73 -21.06
C ILE A 7 5.86 -26.79 -22.24
N GLN A 8 6.86 -27.11 -23.05
CA GLN A 8 7.14 -26.35 -24.25
C GLN A 8 5.92 -26.31 -25.17
N GLU A 9 5.25 -27.47 -25.32
CA GLU A 9 4.06 -27.55 -26.14
C GLU A 9 2.91 -26.73 -25.50
N ALA A 10 2.84 -26.71 -24.17
CA ALA A 10 1.82 -25.90 -23.46
C ALA A 10 1.95 -24.42 -23.81
N GLU A 11 3.18 -23.92 -23.70
CA GLU A 11 3.53 -22.56 -24.10
C GLU A 11 3.11 -22.26 -25.54
N MET A 12 3.35 -23.21 -26.45
CA MET A 12 3.12 -22.99 -27.86
C MET A 12 1.64 -23.03 -28.19
N ALA A 13 0.93 -23.97 -27.57
CA ALA A 13 -0.49 -24.10 -27.79
C ALA A 13 -1.21 -22.78 -27.57
N VAL A 14 -0.61 -21.88 -26.81
CA VAL A 14 -1.26 -20.62 -26.43
C VAL A 14 -0.49 -19.41 -26.99
N GLU A 15 0.50 -19.65 -27.84
CA GLU A 15 1.25 -18.51 -28.43
C GLU A 15 0.39 -17.81 -29.48
N PRO A 16 0.27 -16.49 -29.32
CA PRO A 16 -0.64 -15.63 -30.11
C PRO A 16 -0.49 -15.82 -31.62
N ASP A 37 -9.08 -10.32 -19.80
CA ASP A 37 -10.10 -11.35 -19.47
C ASP A 37 -10.31 -12.52 -20.51
N LYS A 38 -10.03 -12.27 -21.80
CA LYS A 38 -9.62 -13.36 -22.68
C LYS A 38 -8.27 -13.92 -22.18
N GLN A 39 -7.46 -13.06 -21.55
CA GLN A 39 -6.20 -13.50 -21.00
C GLN A 39 -6.43 -14.68 -20.06
N LEU A 40 -7.39 -14.57 -19.13
CA LEU A 40 -7.70 -15.68 -18.21
C LEU A 40 -7.99 -16.98 -18.92
N VAL A 41 -8.78 -16.90 -19.99
CA VAL A 41 -9.14 -18.09 -20.72
C VAL A 41 -7.86 -18.77 -21.20
N THR A 42 -6.98 -18.00 -21.82
CA THR A 42 -5.79 -18.62 -22.40
C THR A 42 -4.81 -19.05 -21.31
N LEU A 43 -4.89 -18.40 -20.16
CA LEU A 43 -4.17 -18.85 -18.99
C LEU A 43 -4.67 -20.25 -18.60
N VAL A 44 -5.99 -20.42 -18.57
CA VAL A 44 -6.59 -21.67 -18.18
C VAL A 44 -6.23 -22.79 -19.16
N GLU A 45 -6.30 -22.51 -20.46
CA GLU A 45 -5.89 -23.48 -21.50
C GLU A 45 -4.45 -23.90 -21.22
N TRP A 46 -3.60 -22.92 -20.98
CA TRP A 46 -2.19 -23.16 -20.66
C TRP A 46 -2.07 -24.13 -19.50
N ALA A 47 -2.64 -23.74 -18.37
CA ALA A 47 -2.50 -24.52 -17.14
C ALA A 47 -2.94 -26.00 -17.28
N LYS A 48 -4.03 -26.22 -18.03
CA LYS A 48 -4.56 -27.56 -18.35
C LYS A 48 -3.53 -28.44 -19.01
N ARG A 49 -2.74 -27.84 -19.90
CA ARG A 49 -1.70 -28.52 -20.64
C ARG A 49 -0.40 -28.67 -19.86
N ILE A 50 -0.34 -28.19 -18.61
CA ILE A 50 0.82 -28.55 -17.79
C ILE A 50 0.58 -29.94 -17.16
N PRO A 51 1.55 -30.85 -17.34
CA PRO A 51 1.36 -32.20 -16.83
C PRO A 51 0.97 -32.17 -15.37
N HIS A 52 -0.12 -32.91 -15.08
CA HIS A 52 -0.62 -33.19 -13.74
C HIS A 52 -1.48 -32.10 -13.11
N PHE A 53 -1.41 -30.90 -13.66
CA PHE A 53 -2.10 -29.79 -13.05
C PHE A 53 -3.54 -30.19 -12.86
N SER A 54 -4.15 -30.72 -13.92
CA SER A 54 -5.55 -31.16 -13.90
C SER A 54 -5.84 -32.34 -12.95
N ASP A 55 -4.82 -33.06 -12.54
CA ASP A 55 -4.99 -34.10 -11.52
C ASP A 55 -5.07 -33.53 -10.12
N LEU A 56 -4.72 -32.26 -9.95
CA LEU A 56 -4.87 -31.59 -8.65
C LEU A 56 -6.36 -31.51 -8.27
N PRO A 57 -6.67 -31.58 -6.96
CA PRO A 57 -8.03 -31.27 -6.53
C PRO A 57 -8.45 -29.93 -7.12
N ILE A 58 -9.70 -29.86 -7.59
CA ILE A 58 -10.16 -28.73 -8.39
C ILE A 58 -10.13 -27.38 -7.67
N ASP A 59 -10.42 -27.38 -6.37
CA ASP A 59 -10.26 -26.22 -5.54
C ASP A 59 -8.84 -25.73 -5.48
N ASP A 60 -7.89 -26.68 -5.50
CA ASP A 60 -6.48 -26.33 -5.53
C ASP A 60 -6.11 -25.72 -6.88
N GLN A 61 -6.69 -26.24 -7.96
CA GLN A 61 -6.48 -25.64 -9.29
C GLN A 61 -6.93 -24.19 -9.32
N VAL A 62 -8.04 -23.92 -8.64
CA VAL A 62 -8.59 -22.58 -8.62
C VAL A 62 -7.70 -21.65 -7.79
N ILE A 63 -7.29 -22.09 -6.60
CA ILE A 63 -6.37 -21.31 -5.75
C ILE A 63 -5.08 -20.95 -6.48
N LEU A 64 -4.46 -21.95 -7.10
CA LEU A 64 -3.19 -21.76 -7.79
C LEU A 64 -3.25 -20.74 -8.92
N LEU A 65 -4.31 -20.77 -9.73
CA LEU A 65 -4.48 -19.70 -10.71
C LEU A 65 -4.83 -18.34 -10.09
N ARG A 66 -5.71 -18.30 -9.09
CA ARG A 66 -5.99 -17.02 -8.41
C ARG A 66 -4.72 -16.44 -7.81
N ALA A 67 -3.84 -17.28 -7.28
CA ALA A 67 -2.66 -16.78 -6.65
C ALA A 67 -1.65 -16.31 -7.71
N GLY A 68 -1.48 -17.07 -8.78
CA GLY A 68 -0.34 -16.88 -9.68
C GLY A 68 -0.66 -16.03 -10.88
N TRP A 69 -1.94 -15.85 -11.16
CA TRP A 69 -2.43 -15.16 -12.36
C TRP A 69 -1.58 -13.96 -12.79
N ASN A 70 -1.27 -13.07 -11.87
CA ASN A 70 -0.63 -11.83 -12.29
C ASN A 70 0.85 -12.05 -12.67
N GLU A 71 1.56 -12.92 -11.92
CA GLU A 71 2.94 -13.26 -12.23
C GLU A 71 3.02 -14.03 -13.52
N LEU A 72 2.06 -14.92 -13.72
CA LEU A 72 2.01 -15.73 -14.91
C LEU A 72 1.83 -14.84 -16.13
N LEU A 73 1.04 -13.77 -15.99
CA LEU A 73 0.74 -12.91 -17.11
C LEU A 73 1.88 -11.98 -17.40
N ILE A 74 2.45 -11.37 -16.36
CA ILE A 74 3.59 -10.48 -16.51
C ILE A 74 4.81 -11.25 -17.09
N ALA A 75 5.07 -12.46 -16.60
CA ALA A 75 6.16 -13.29 -17.12
C ALA A 75 5.98 -13.54 -18.60
N ALA A 76 4.75 -13.87 -19.00
CA ALA A 76 4.41 -14.07 -20.39
C ALA A 76 4.71 -12.85 -21.22
N PHE A 77 4.08 -11.72 -20.92
CA PHE A 77 4.32 -10.52 -21.71
C PHE A 77 5.75 -10.00 -21.72
N SER A 78 6.48 -10.21 -20.62
CA SER A 78 7.87 -9.81 -20.55
C SER A 78 8.65 -10.58 -21.60
N HIS A 79 8.46 -11.90 -21.64
CA HIS A 79 9.16 -12.70 -22.62
C HIS A 79 8.77 -12.33 -24.09
N ARG A 80 7.48 -12.18 -24.35
CA ARG A 80 7.01 -11.66 -25.62
C ARG A 80 7.69 -10.34 -26.02
N SER A 81 8.13 -9.55 -25.04
CA SER A 81 8.64 -8.21 -25.33
C SER A 81 10.14 -8.17 -25.58
N ILE A 82 10.79 -9.32 -25.44
CA ILE A 82 12.20 -9.50 -25.75
C ILE A 82 12.67 -8.73 -27.01
N ASP A 83 11.88 -8.82 -28.08
CA ASP A 83 12.28 -8.24 -29.36
C ASP A 83 11.86 -6.79 -29.44
N VAL A 84 10.71 -6.48 -28.86
CA VAL A 84 10.19 -5.13 -28.86
C VAL A 84 11.21 -4.12 -28.33
N LYS A 85 11.38 -3.04 -29.09
CA LYS A 85 12.05 -1.82 -28.62
C LYS A 85 11.12 -1.04 -27.69
N ASP A 86 11.63 -0.01 -27.02
CA ASP A 86 10.76 0.79 -26.15
C ASP A 86 10.05 -0.04 -25.06
N GLY A 87 8.82 -0.52 -25.31
CA GLY A 87 8.01 -0.99 -24.16
C GLY A 87 7.72 -2.47 -24.05
N ILE A 88 6.46 -2.80 -23.79
CA ILE A 88 6.04 -4.20 -23.75
C ILE A 88 4.92 -4.48 -24.76
N LEU A 89 4.85 -5.74 -25.22
CA LEU A 89 3.85 -6.18 -26.20
C LEU A 89 2.90 -7.28 -25.64
N LEU A 90 1.62 -6.99 -25.63
CA LEU A 90 0.65 -7.97 -25.14
C LEU A 90 0.17 -8.93 -26.25
N ALA A 91 -0.38 -10.09 -25.86
CA ALA A 91 -0.83 -11.09 -26.84
C ALA A 91 -1.96 -10.57 -27.70
N SER A 92 -2.79 -9.70 -27.12
CA SER A 92 -3.84 -9.02 -27.88
C SER A 92 -3.27 -8.03 -28.86
N GLY A 93 -1.95 -7.99 -28.97
CA GLY A 93 -1.28 -7.02 -29.85
C GLY A 93 -1.31 -5.57 -29.37
N LEU A 94 -1.97 -5.28 -28.22
CA LEU A 94 -1.78 -3.95 -27.66
C LEU A 94 -0.26 -3.79 -27.36
N HIS A 95 0.30 -2.71 -27.86
CA HIS A 95 1.71 -2.41 -27.64
C HIS A 95 1.78 -1.17 -26.75
N VAL A 96 2.20 -1.34 -25.49
CA VAL A 96 2.09 -0.26 -24.51
C VAL A 96 3.05 0.94 -24.68
N HIS A 97 4.36 0.75 -24.57
CA HIS A 97 5.27 1.92 -24.80
C HIS A 97 5.62 2.63 -23.48
N ARG A 98 6.88 3.00 -23.36
CA ARG A 98 7.44 3.45 -22.12
C ARG A 98 6.84 4.79 -21.67
N SER A 99 6.62 5.67 -22.64
CA SER A 99 6.16 7.00 -22.36
C SER A 99 4.73 6.98 -21.90
N SER A 100 3.93 6.12 -22.52
CA SER A 100 2.52 5.94 -22.12
C SER A 100 2.45 5.56 -20.65
N ALA A 101 3.30 4.64 -20.26
CA ALA A 101 3.43 4.28 -18.87
C ALA A 101 3.83 5.44 -17.97
N HIS A 102 4.81 6.23 -18.39
CA HIS A 102 5.30 7.32 -17.57
C HIS A 102 4.21 8.40 -17.43
N GLN A 103 3.48 8.62 -18.52
CA GLN A 103 2.37 9.53 -18.51
C GLN A 103 1.33 9.12 -17.50
N ALA A 104 1.12 7.82 -17.36
CA ALA A 104 0.12 7.28 -16.45
C ALA A 104 0.58 7.23 -14.98
N GLY A 105 1.80 7.71 -14.73
CA GLY A 105 2.29 7.76 -13.38
C GLY A 105 2.78 6.44 -12.84
N VAL A 106 2.90 5.42 -13.69
CA VAL A 106 3.49 4.13 -13.29
C VAL A 106 4.89 3.85 -13.88
N GLY A 107 5.64 4.89 -14.19
CA GLY A 107 6.94 4.70 -14.81
C GLY A 107 7.93 3.84 -14.03
N THR A 108 8.02 4.04 -12.71
CA THR A 108 8.99 3.32 -11.92
C THR A 108 8.78 1.81 -12.08
N ILE A 109 7.54 1.36 -11.89
CA ILE A 109 7.20 -0.04 -11.98
C ILE A 109 7.39 -0.51 -13.41
N PHE A 110 6.91 0.29 -14.36
CA PHE A 110 7.05 -0.11 -15.75
C PHE A 110 8.52 -0.33 -16.10
N ASP A 111 9.39 0.54 -15.60
CA ASP A 111 10.82 0.42 -15.96
C ASP A 111 11.43 -0.81 -15.29
N ARG A 112 10.91 -1.15 -14.10
CA ARG A 112 11.28 -2.38 -13.41
C ARG A 112 11.00 -3.65 -14.25
N VAL A 113 9.83 -3.69 -14.92
CA VAL A 113 9.52 -4.77 -15.83
C VAL A 113 10.57 -4.84 -16.94
N LEU A 114 10.90 -3.68 -17.50
CA LEU A 114 11.79 -3.65 -18.66
C LEU A 114 13.20 -4.00 -18.27
N THR A 115 13.59 -3.57 -17.09
CA THR A 115 14.94 -3.74 -16.63
C THR A 115 15.16 -5.08 -16.02
N GLU A 116 14.25 -5.50 -15.14
CA GLU A 116 14.48 -6.70 -14.34
C GLU A 116 13.95 -7.95 -15.05
N LEU A 117 13.02 -7.76 -15.97
CA LEU A 117 12.46 -8.91 -16.65
C LEU A 117 12.83 -8.96 -18.10
N VAL A 118 12.31 -8.02 -18.88
CA VAL A 118 12.52 -8.03 -20.31
C VAL A 118 14.00 -8.09 -20.67
N ALA A 119 14.78 -7.17 -20.09
CA ALA A 119 16.22 -7.04 -20.43
C ALA A 119 16.99 -8.31 -20.06
N LYS A 120 16.69 -8.87 -18.87
CA LYS A 120 17.41 -10.05 -18.41
C LYS A 120 17.06 -11.24 -19.27
N MET A 121 15.78 -11.40 -19.62
CA MET A 121 15.36 -12.44 -20.55
C MET A 121 16.05 -12.28 -21.91
N ARG A 122 16.18 -11.05 -22.39
CA ARG A 122 16.84 -10.79 -23.67
C ARG A 122 18.32 -11.13 -23.62
N ASP A 123 19.05 -10.68 -22.58
CA ASP A 123 20.49 -10.91 -22.52
C ASP A 123 20.86 -12.36 -22.39
N MET A 124 20.01 -13.13 -21.74
CA MET A 124 20.30 -14.53 -21.56
C MET A 124 19.61 -15.41 -22.63
N LYS A 125 18.92 -14.74 -23.57
CA LYS A 125 18.11 -15.41 -24.59
C LYS A 125 17.32 -16.56 -23.96
N MET A 126 16.24 -16.23 -23.24
CA MET A 126 15.44 -17.23 -22.59
C MET A 126 14.67 -18.06 -23.63
N ASP A 127 14.77 -19.38 -23.53
CA ASP A 127 13.93 -20.35 -24.28
C ASP A 127 12.47 -20.17 -23.96
N LYS A 128 11.65 -20.38 -24.99
CA LYS A 128 10.25 -20.68 -24.79
C LYS A 128 10.07 -21.86 -23.81
N THR A 129 10.98 -22.85 -23.85
CA THR A 129 10.91 -23.99 -22.93
C THR A 129 11.22 -23.52 -21.51
N GLU A 130 12.23 -22.66 -21.35
CA GLU A 130 12.61 -22.16 -20.03
C GLU A 130 11.52 -21.23 -19.43
N LEU A 131 10.82 -20.52 -20.31
CA LEU A 131 9.73 -19.68 -19.88
C LEU A 131 8.61 -20.55 -19.32
N GLY A 132 8.21 -21.55 -20.11
CA GLY A 132 7.23 -22.53 -19.68
C GLY A 132 7.53 -23.12 -18.31
N CYS A 133 8.78 -23.44 -18.03
CA CYS A 133 9.10 -24.05 -16.76
C CYS A 133 9.01 -23.05 -15.61
N LEU A 134 9.50 -21.84 -15.84
CA LEU A 134 9.45 -20.84 -14.79
C LEU A 134 7.99 -20.56 -14.48
N ARG A 135 7.18 -20.40 -15.52
CA ARG A 135 5.79 -20.16 -15.31
C ARG A 135 5.12 -21.33 -14.58
N ALA A 136 5.52 -22.58 -14.85
CA ALA A 136 4.93 -23.74 -14.18
C ALA A 136 5.36 -23.79 -12.73
N ILE A 137 6.60 -23.43 -12.47
CA ILE A 137 7.09 -23.32 -11.10
C ILE A 137 6.26 -22.28 -10.35
N VAL A 138 5.93 -21.17 -11.02
CA VAL A 138 5.06 -20.12 -10.44
C VAL A 138 3.65 -20.67 -10.21
N LEU A 139 3.13 -21.43 -11.17
CA LEU A 139 1.81 -22.03 -11.06
C LEU A 139 1.71 -22.95 -9.85
N PHE A 140 2.67 -23.86 -9.71
CA PHE A 140 2.73 -24.80 -8.59
C PHE A 140 3.34 -24.14 -7.39
N ASN A 141 2.66 -23.12 -6.90
CA ASN A 141 3.07 -22.49 -5.66
C ASN A 141 2.56 -23.18 -4.39
N PRO A 142 3.47 -23.86 -3.68
CA PRO A 142 3.02 -24.54 -2.46
C PRO A 142 2.66 -23.58 -1.32
N ASP A 143 2.96 -22.29 -1.43
CA ASP A 143 2.63 -21.33 -0.34
C ASP A 143 1.22 -20.71 -0.42
N ALA A 144 0.52 -20.98 -1.53
CA ALA A 144 -0.81 -20.44 -1.74
C ALA A 144 -1.68 -20.90 -0.58
N LYS A 145 -2.38 -19.96 0.04
CA LYS A 145 -3.17 -20.31 1.20
C LYS A 145 -4.44 -21.03 0.78
N GLY A 146 -4.78 -22.05 1.55
CA GLY A 146 -6.03 -22.76 1.37
C GLY A 146 -5.92 -24.08 0.64
N LEU A 147 -4.73 -24.44 0.23
CA LEU A 147 -4.54 -25.64 -0.56
C LEU A 147 -4.88 -26.83 0.29
N THR A 148 -5.67 -27.75 -0.25
CA THR A 148 -6.01 -28.95 0.51
C THR A 148 -4.76 -29.81 0.66
N ASP A 149 -3.84 -29.69 -0.31
CA ASP A 149 -2.66 -30.53 -0.32
C ASP A 149 -1.42 -29.75 -0.78
N PRO A 150 -0.78 -29.01 0.16
CA PRO A 150 0.42 -28.26 -0.22
C PRO A 150 1.52 -29.23 -0.70
N SER A 151 1.63 -30.32 0.04
CA SER A 151 2.62 -31.37 -0.19
C SER A 151 2.63 -31.87 -1.62
N LEU A 152 1.45 -32.07 -2.20
CA LEU A 152 1.35 -32.54 -3.57
C LEU A 152 1.73 -31.46 -4.54
N VAL A 153 1.37 -30.21 -4.24
CA VAL A 153 1.78 -29.09 -5.11
C VAL A 153 3.28 -28.85 -5.04
N GLU A 154 3.89 -29.05 -3.87
CA GLU A 154 5.32 -28.91 -3.74
C GLU A 154 6.05 -29.87 -4.68
N SER A 155 5.59 -31.12 -4.73
CA SER A 155 6.25 -32.16 -5.49
C SER A 155 6.20 -31.88 -6.95
N LEU A 156 5.12 -31.27 -7.42
CA LEU A 156 5.05 -30.97 -8.84
C LEU A 156 6.04 -29.86 -9.19
N ARG A 157 6.15 -28.86 -8.29
CA ARG A 157 7.13 -27.80 -8.45
C ARG A 157 8.49 -28.47 -8.62
N GLU A 158 8.80 -29.40 -7.70
CA GLU A 158 10.07 -30.15 -7.72
C GLU A 158 10.30 -30.96 -8.98
N LYS A 159 9.28 -31.66 -9.46
CA LYS A 159 9.36 -32.27 -10.79
C LYS A 159 9.62 -31.25 -11.93
N VAL A 160 9.11 -30.01 -11.80
CA VAL A 160 9.33 -29.01 -12.85
C VAL A 160 10.77 -28.56 -12.82
N TYR A 161 11.26 -28.17 -11.65
CA TYR A 161 12.61 -27.64 -11.69
C TYR A 161 13.71 -28.65 -12.00
N ALA A 162 13.62 -29.85 -11.42
CA ALA A 162 14.58 -30.93 -11.79
C ALA A 162 14.59 -31.09 -13.29
N SER A 163 13.42 -31.28 -13.88
CA SER A 163 13.28 -31.38 -15.31
C SER A 163 13.84 -30.18 -16.08
N LEU A 164 13.66 -28.95 -15.56
CA LEU A 164 14.26 -27.75 -16.18
C LEU A 164 15.80 -27.75 -16.06
N GLU A 165 16.34 -28.19 -14.93
CA GLU A 165 17.80 -28.30 -14.78
C GLU A 165 18.48 -29.23 -15.80
N GLU A 166 18.04 -30.50 -15.87
CA GLU A 166 18.50 -31.39 -16.95
C GLU A 166 18.40 -30.68 -18.29
N TYR A 167 17.25 -30.11 -18.60
CA TYR A 167 17.12 -29.40 -19.87
C TYR A 167 18.21 -28.35 -20.09
N CYS A 168 18.48 -27.50 -19.08
CA CYS A 168 19.57 -26.52 -19.22
C CYS A 168 20.96 -27.15 -19.35
N LYS A 169 21.20 -28.27 -18.65
CA LYS A 169 22.51 -28.98 -18.73
C LYS A 169 22.67 -29.60 -20.11
N GLN A 170 21.54 -30.02 -20.65
CA GLN A 170 21.50 -30.68 -21.95
C GLN A 170 21.71 -29.68 -23.06
N GLN A 171 20.92 -28.62 -23.03
CA GLN A 171 20.76 -27.66 -24.10
C GLN A 171 21.78 -26.49 -24.05
N TYR A 172 22.25 -26.13 -22.85
CA TYR A 172 23.21 -25.02 -22.65
C TYR A 172 24.40 -25.49 -21.82
N PRO A 173 25.11 -26.52 -22.29
CA PRO A 173 26.16 -27.09 -21.45
C PRO A 173 27.28 -26.11 -21.13
N GLU A 174 27.59 -25.19 -22.05
CA GLU A 174 28.58 -24.12 -21.77
C GLU A 174 28.23 -23.06 -20.73
N GLN A 175 27.05 -23.18 -20.11
CA GLN A 175 26.59 -22.20 -19.12
C GLN A 175 26.21 -22.90 -17.81
N PRO A 176 27.21 -23.36 -17.05
CA PRO A 176 26.97 -24.03 -15.76
C PRO A 176 25.91 -23.38 -14.83
N GLY A 177 25.89 -22.06 -14.71
CA GLY A 177 24.97 -21.44 -13.78
C GLY A 177 23.65 -20.93 -14.35
N ARG A 178 23.26 -21.39 -15.54
CA ARG A 178 22.07 -20.89 -16.19
C ARG A 178 20.74 -21.22 -15.47
N PHE A 179 20.64 -22.42 -14.90
CA PHE A 179 19.47 -22.84 -14.12
C PHE A 179 19.20 -21.88 -12.95
N ALA A 180 20.19 -21.70 -12.08
CA ALA A 180 20.06 -20.77 -10.97
C ALA A 180 19.72 -19.36 -11.48
N LYS A 181 20.39 -18.92 -12.53
CA LYS A 181 20.09 -17.61 -13.08
C LYS A 181 18.61 -17.43 -13.49
N LEU A 182 17.99 -18.47 -14.05
CA LEU A 182 16.56 -18.44 -14.34
C LEU A 182 15.77 -18.40 -13.04
N LEU A 183 16.05 -19.30 -12.12
CA LEU A 183 15.39 -19.29 -10.83
C LEU A 183 15.44 -17.88 -10.18
N LEU A 184 16.59 -17.23 -10.26
CA LEU A 184 16.76 -15.99 -9.54
C LEU A 184 16.08 -14.81 -10.20
N ARG A 185 15.31 -15.09 -11.24
CA ARG A 185 14.46 -14.09 -11.85
C ARG A 185 13.09 -14.08 -11.18
N LEU A 186 12.85 -15.08 -10.33
CA LEU A 186 11.59 -15.20 -9.64
C LEU A 186 11.33 -14.25 -8.47
N PRO A 187 12.38 -13.90 -7.67
CA PRO A 187 12.01 -12.83 -6.69
C PRO A 187 11.65 -11.48 -7.38
N ALA A 188 12.37 -11.10 -8.45
CA ALA A 188 11.95 -9.94 -9.23
C ALA A 188 10.50 -10.08 -9.70
N LEU A 189 10.15 -11.25 -10.23
CA LEU A 189 8.81 -11.47 -10.79
C LEU A 189 7.80 -11.28 -9.69
N ARG A 190 8.21 -11.62 -8.48
CA ARG A 190 7.36 -11.53 -7.34
C ARG A 190 7.16 -10.07 -6.86
N SER A 191 8.21 -9.25 -6.78
CA SER A 191 8.01 -7.83 -6.45
C SER A 191 7.25 -7.10 -7.51
N ILE A 192 7.64 -7.27 -8.77
CA ILE A 192 6.93 -6.61 -9.82
C ILE A 192 5.48 -7.02 -9.72
N GLY A 193 5.23 -8.32 -9.59
CA GLY A 193 3.87 -8.80 -9.44
C GLY A 193 3.02 -8.08 -8.42
N LEU A 194 3.54 -7.89 -7.21
CA LEU A 194 2.81 -7.17 -6.19
C LEU A 194 2.69 -5.67 -6.49
N LYS A 195 3.75 -5.02 -6.91
CA LYS A 195 3.58 -3.63 -7.20
C LYS A 195 2.54 -3.36 -8.28
N CYS A 196 2.44 -4.23 -9.29
CA CYS A 196 1.46 -4.05 -10.34
C CYS A 196 0.04 -4.02 -9.80
N LEU A 197 -0.23 -4.81 -8.77
CA LEU A 197 -1.54 -4.87 -8.16
C LEU A 197 -1.98 -3.57 -7.47
N GLU A 198 -1.11 -2.57 -7.42
CA GLU A 198 -1.34 -1.36 -6.62
C GLU A 198 -1.59 -0.10 -7.46
N HIS A 199 -1.63 -0.25 -8.79
CA HIS A 199 -1.86 0.84 -9.70
C HIS A 199 -2.95 0.52 -10.71
N LEU A 200 -4.02 1.29 -10.71
CA LEU A 200 -5.16 1.05 -11.62
C LEU A 200 -4.76 0.85 -13.08
N PHE A 201 -3.66 1.49 -13.49
CA PHE A 201 -3.24 1.46 -14.88
C PHE A 201 -3.09 0.02 -15.28
N PHE A 202 -2.49 -0.79 -14.43
CA PHE A 202 -2.17 -2.14 -14.80
C PHE A 202 -3.39 -2.99 -15.07
N PHE A 203 -4.58 -2.53 -14.68
CA PHE A 203 -5.74 -3.33 -15.05
C PHE A 203 -5.75 -3.52 -16.60
N LYS A 204 -5.32 -2.52 -17.36
CA LYS A 204 -5.26 -2.66 -18.80
C LYS A 204 -4.23 -3.71 -19.30
N LEU A 205 -3.32 -4.20 -18.45
CA LEU A 205 -2.40 -5.23 -18.89
C LEU A 205 -2.73 -6.64 -18.34
N ILE A 206 -3.38 -6.74 -17.18
CA ILE A 206 -3.56 -8.06 -16.58
C ILE A 206 -4.94 -8.30 -15.97
N GLY A 207 -5.87 -7.37 -16.21
CA GLY A 207 -7.18 -7.41 -15.60
C GLY A 207 -7.09 -7.35 -14.08
N ASP A 208 -8.17 -7.73 -13.40
CA ASP A 208 -8.16 -7.85 -11.94
C ASP A 208 -8.07 -9.30 -11.46
N THR A 209 -8.09 -9.48 -10.15
CA THR A 209 -7.92 -10.81 -9.61
C THR A 209 -9.15 -11.62 -10.03
N PRO A 210 -8.93 -12.80 -10.62
CA PRO A 210 -9.96 -13.68 -11.14
C PRO A 210 -10.85 -14.16 -10.02
N ILE A 211 -12.13 -14.32 -10.29
CA ILE A 211 -13.02 -14.79 -9.25
C ILE A 211 -13.24 -16.29 -9.37
N ASP A 212 -13.37 -16.91 -8.21
CA ASP A 212 -13.54 -18.36 -8.13
C ASP A 212 -14.62 -18.91 -9.05
N THR A 213 -15.88 -18.58 -8.83
CA THR A 213 -16.96 -19.07 -9.67
C THR A 213 -16.48 -19.11 -11.16
N PHE A 214 -15.85 -18.04 -11.64
CA PHE A 214 -15.44 -17.94 -13.04
C PHE A 214 -14.37 -18.95 -13.42
N LEU A 215 -13.28 -19.01 -12.65
CA LEU A 215 -12.20 -19.99 -12.86
C LEU A 215 -12.74 -21.42 -12.88
N MET A 216 -13.71 -21.67 -11.98
CA MET A 216 -14.44 -22.92 -11.85
C MET A 216 -14.91 -23.56 -13.16
N GLU A 217 -15.14 -22.81 -14.24
CA GLU A 217 -15.01 -23.45 -15.59
C GLU A 217 -13.50 -23.70 -16.08
N MET A 218 -12.76 -24.37 -15.22
CA MET A 218 -11.66 -25.24 -15.58
C MET A 218 -12.28 -26.64 -15.51
N LEU A 219 -13.59 -26.68 -15.17
CA LEU A 219 -14.39 -27.92 -15.07
C LEU A 219 -15.16 -28.23 -16.36
N ASP B 1 37.82 -15.76 -5.75
CA ASP B 1 37.11 -16.98 -5.25
C ASP B 1 36.01 -16.55 -4.29
N MET B 2 35.01 -17.41 -4.10
CA MET B 2 33.93 -17.14 -3.15
C MET B 2 33.75 -18.37 -2.23
N PRO B 3 34.72 -18.60 -1.31
CA PRO B 3 34.69 -19.80 -0.46
C PRO B 3 33.55 -19.83 0.55
N VAL B 4 32.74 -20.91 0.49
CA VAL B 4 31.62 -21.13 1.41
C VAL B 4 31.97 -20.97 2.89
N GLU B 5 33.12 -21.54 3.27
CA GLU B 5 33.54 -21.50 4.68
C GLU B 5 33.78 -20.08 5.18
N LYS B 6 34.17 -19.18 4.28
CA LYS B 6 34.33 -17.77 4.64
C LYS B 6 32.97 -17.09 4.87
N ILE B 7 31.93 -17.55 4.18
CA ILE B 7 30.56 -17.07 4.40
C ILE B 7 30.08 -17.63 5.74
N GLN B 8 30.32 -18.94 5.94
CA GLN B 8 30.03 -19.60 7.22
C GLN B 8 30.62 -18.84 8.41
N GLU B 9 31.88 -18.42 8.25
CA GLU B 9 32.58 -17.64 9.25
C GLU B 9 31.90 -16.29 9.48
N ALA B 10 31.48 -15.65 8.39
CA ALA B 10 30.80 -14.36 8.48
C ALA B 10 29.51 -14.47 9.30
N GLU B 11 28.75 -15.54 9.05
CA GLU B 11 27.52 -15.79 9.81
C GLU B 11 27.84 -15.99 11.27
N MET B 12 28.90 -16.72 11.55
CA MET B 12 29.29 -17.05 12.91
C MET B 12 29.79 -15.84 13.66
N ALA B 13 30.68 -15.09 13.03
CA ALA B 13 31.25 -13.87 13.62
C ALA B 13 30.20 -12.94 14.22
N VAL B 14 28.98 -13.02 13.72
CA VAL B 14 27.89 -12.16 14.18
C VAL B 14 26.80 -12.95 14.92
N GLU B 15 27.02 -14.24 15.20
CA GLU B 15 26.02 -15.05 15.93
C GLU B 15 25.96 -14.60 17.39
N PRO B 16 24.75 -14.29 17.85
CA PRO B 16 24.54 -13.58 19.13
C PRO B 16 25.03 -14.37 20.35
N ASP B 37 18.47 -1.12 15.47
CA ASP B 37 19.52 -0.12 15.23
C ASP B 37 20.97 -0.63 15.51
N LYS B 38 21.12 -1.42 16.58
CA LYS B 38 22.30 -2.24 16.74
C LYS B 38 22.31 -3.29 15.62
N GLN B 39 21.12 -3.70 15.18
CA GLN B 39 20.96 -4.64 14.08
C GLN B 39 21.79 -4.22 12.87
N LEU B 40 21.63 -2.97 12.47
CA LEU B 40 22.38 -2.37 11.36
C LEU B 40 23.87 -2.58 11.49
N VAL B 41 24.40 -2.28 12.67
CA VAL B 41 25.81 -2.40 12.88
C VAL B 41 26.22 -3.85 12.68
N THR B 42 25.47 -4.79 13.23
CA THR B 42 25.88 -6.19 13.11
C THR B 42 25.69 -6.71 11.68
N LEU B 43 24.77 -6.07 10.98
CA LEU B 43 24.56 -6.28 9.56
C LEU B 43 25.81 -5.84 8.82
N VAL B 44 26.28 -4.63 9.10
CA VAL B 44 27.47 -4.11 8.43
C VAL B 44 28.72 -4.95 8.74
N GLU B 45 28.89 -5.38 9.99
CA GLU B 45 30.02 -6.26 10.30
C GLU B 45 29.93 -7.52 9.43
N TRP B 46 28.73 -8.08 9.31
CA TRP B 46 28.52 -9.28 8.52
C TRP B 46 28.95 -9.03 7.07
N ALA B 47 28.32 -8.04 6.43
CA ALA B 47 28.60 -7.74 5.02
C ALA B 47 30.11 -7.61 4.71
N LYS B 48 30.83 -6.90 5.57
CA LYS B 48 32.26 -6.69 5.38
C LYS B 48 33.04 -8.00 5.33
N ARG B 49 32.57 -8.99 6.08
CA ARG B 49 33.18 -10.31 6.12
C ARG B 49 32.73 -11.22 4.97
N ILE B 50 31.82 -10.74 4.11
CA ILE B 50 31.54 -11.47 2.88
C ILE B 50 32.58 -11.13 1.80
N PRO B 51 33.29 -12.16 1.29
CA PRO B 51 34.32 -12.00 0.28
C PRO B 51 33.93 -10.98 -0.76
N HIS B 52 34.80 -10.00 -0.93
CA HIS B 52 34.74 -9.02 -2.01
C HIS B 52 33.81 -7.87 -1.82
N PHE B 53 32.86 -8.02 -0.90
CA PHE B 53 31.86 -7.00 -0.72
C PHE B 53 32.57 -5.65 -0.57
N SER B 54 33.54 -5.62 0.34
CA SER B 54 34.32 -4.41 0.64
C SER B 54 35.14 -3.86 -0.53
N ASP B 55 35.46 -4.70 -1.51
CA ASP B 55 36.08 -4.25 -2.74
C ASP B 55 35.11 -3.54 -3.72
N LEU B 56 33.80 -3.60 -3.47
CA LEU B 56 32.83 -2.86 -4.28
C LEU B 56 33.01 -1.38 -4.09
N PRO B 57 32.69 -0.58 -5.11
CA PRO B 57 32.78 0.86 -4.81
C PRO B 57 31.77 1.21 -3.70
N ILE B 58 32.16 2.18 -2.85
CA ILE B 58 31.53 2.44 -1.55
C ILE B 58 30.04 2.80 -1.63
N ASP B 59 29.68 3.60 -2.62
CA ASP B 59 28.28 3.92 -2.86
C ASP B 59 27.43 2.69 -3.18
N ASP B 60 28.02 1.72 -3.87
CA ASP B 60 27.33 0.48 -4.17
C ASP B 60 27.14 -0.33 -2.90
N GLN B 61 28.11 -0.26 -2.01
CA GLN B 61 28.00 -0.95 -0.72
C GLN B 61 26.81 -0.41 0.06
N VAL B 62 26.61 0.90 -0.01
CA VAL B 62 25.51 1.56 0.68
C VAL B 62 24.19 1.14 0.06
N ILE B 63 24.13 1.23 -1.26
CA ILE B 63 22.94 0.87 -1.98
C ILE B 63 22.54 -0.55 -1.63
N LEU B 64 23.46 -1.50 -1.73
CA LEU B 64 23.09 -2.91 -1.54
C LEU B 64 22.58 -3.22 -0.13
N LEU B 65 23.12 -2.52 0.87
CA LEU B 65 22.61 -2.60 2.24
C LEU B 65 21.26 -1.89 2.44
N ARG B 66 21.12 -0.67 1.92
CA ARG B 66 19.81 0.00 1.97
C ARG B 66 18.72 -0.81 1.23
N ALA B 67 19.09 -1.54 0.19
CA ALA B 67 18.11 -2.30 -0.52
C ALA B 67 17.74 -3.62 0.16
N GLY B 68 18.74 -4.34 0.66
CA GLY B 68 18.57 -5.70 1.17
C GLY B 68 18.31 -5.80 2.66
N TRP B 69 18.57 -4.70 3.36
CA TRP B 69 18.50 -4.69 4.79
C TRP B 69 17.34 -5.49 5.42
N ASN B 70 16.12 -5.28 4.96
CA ASN B 70 15.00 -5.92 5.60
C ASN B 70 14.93 -7.40 5.32
N GLU B 71 15.26 -7.80 4.10
CA GLU B 71 15.30 -9.20 3.73
C GLU B 71 16.37 -9.93 4.50
N LEU B 72 17.46 -9.21 4.74
CA LEU B 72 18.62 -9.77 5.38
C LEU B 72 18.30 -10.05 6.84
N LEU B 73 17.63 -9.11 7.48
CA LEU B 73 17.25 -9.26 8.88
C LEU B 73 16.17 -10.30 9.10
N ILE B 74 15.15 -10.27 8.24
CA ILE B 74 14.08 -11.25 8.32
C ILE B 74 14.61 -12.66 8.15
N ALA B 75 15.49 -12.84 7.17
CA ALA B 75 16.06 -14.16 6.88
C ALA B 75 16.84 -14.68 8.05
N ALA B 76 17.62 -13.80 8.68
CA ALA B 76 18.38 -14.18 9.88
C ALA B 76 17.41 -14.59 10.97
N PHE B 77 16.43 -13.74 11.33
CA PHE B 77 15.61 -14.06 12.52
C PHE B 77 14.72 -15.27 12.26
N SER B 78 14.34 -15.49 11.00
CA SER B 78 13.61 -16.69 10.65
C SER B 78 14.44 -17.94 10.93
N HIS B 79 15.69 -17.94 10.48
CA HIS B 79 16.57 -19.06 10.77
C HIS B 79 16.76 -19.29 12.27
N ARG B 80 17.08 -18.22 12.99
CA ARG B 80 17.19 -18.23 14.44
C ARG B 80 15.98 -18.85 15.14
N SER B 81 14.82 -18.79 14.52
CA SER B 81 13.59 -19.18 15.17
C SER B 81 13.23 -20.64 14.90
N ILE B 82 14.05 -21.28 14.05
CA ILE B 82 13.83 -22.68 13.68
C ILE B 82 13.48 -23.54 14.90
N ASP B 83 14.15 -23.32 16.02
CA ASP B 83 13.90 -24.19 17.18
C ASP B 83 12.78 -23.66 18.10
N VAL B 84 12.63 -22.34 18.11
CA VAL B 84 11.60 -21.69 18.89
C VAL B 84 10.21 -22.22 18.49
N LYS B 85 9.44 -22.64 19.49
CA LYS B 85 8.01 -22.92 19.29
C LYS B 85 7.28 -21.59 19.13
N ASP B 86 5.97 -21.62 18.91
CA ASP B 86 5.18 -20.39 18.87
C ASP B 86 5.71 -19.36 17.83
N GLY B 87 6.59 -18.45 18.23
CA GLY B 87 6.86 -17.27 17.41
C GLY B 87 8.23 -17.17 16.78
N ILE B 88 8.81 -15.97 16.86
CA ILE B 88 10.16 -15.72 16.39
C ILE B 88 11.03 -15.16 17.52
N LEU B 89 12.34 -15.40 17.42
CA LEU B 89 13.32 -14.89 18.39
C LEU B 89 14.36 -14.00 17.69
N LEU B 90 14.47 -12.77 18.17
CA LEU B 90 15.48 -11.85 17.64
C LEU B 90 16.83 -12.00 18.34
N ALA B 91 17.88 -11.50 17.69
CA ALA B 91 19.24 -11.55 18.24
C ALA B 91 19.34 -10.87 19.61
N SER B 92 18.58 -9.77 19.76
CA SER B 92 18.52 -9.03 21.03
C SER B 92 17.83 -9.85 22.14
N GLY B 93 17.50 -11.11 21.83
CA GLY B 93 16.71 -11.94 22.71
C GLY B 93 15.24 -11.54 22.85
N LEU B 94 14.81 -10.49 22.15
CA LEU B 94 13.38 -10.16 22.08
C LEU B 94 12.71 -11.40 21.52
N HIS B 95 11.68 -11.87 22.21
CA HIS B 95 10.97 -13.08 21.84
C HIS B 95 9.54 -12.68 21.46
N VAL B 96 9.18 -12.66 20.17
CA VAL B 96 7.92 -12.00 19.79
C VAL B 96 6.58 -12.67 20.12
N HIS B 97 6.32 -13.88 19.64
CA HIS B 97 5.05 -14.60 20.03
C HIS B 97 3.95 -14.32 19.03
N ARG B 98 3.26 -15.40 18.64
CA ARG B 98 2.27 -15.35 17.58
C ARG B 98 1.07 -14.47 17.94
N SER B 99 0.60 -14.59 19.18
CA SER B 99 -0.61 -13.91 19.59
C SER B 99 -0.36 -12.42 19.74
N SER B 100 0.87 -12.09 20.16
CA SER B 100 1.27 -10.69 20.29
C SER B 100 1.23 -10.04 18.92
N ALA B 101 1.66 -10.77 17.92
CA ALA B 101 1.54 -10.30 16.56
C ALA B 101 0.08 -10.18 16.09
N HIS B 102 -0.74 -11.17 16.43
CA HIS B 102 -2.16 -11.18 16.05
C HIS B 102 -2.92 -10.01 16.72
N GLN B 103 -2.56 -9.71 17.97
CA GLN B 103 -3.15 -8.58 18.64
C GLN B 103 -2.74 -7.25 18.01
N ALA B 104 -1.53 -7.18 17.44
CA ALA B 104 -1.12 -5.94 16.77
C ALA B 104 -1.70 -5.77 15.36
N GLY B 105 -2.52 -6.75 14.95
CA GLY B 105 -3.20 -6.69 13.67
C GLY B 105 -2.31 -6.99 12.49
N VAL B 106 -1.18 -7.67 12.74
CA VAL B 106 -0.25 -8.11 11.68
C VAL B 106 -0.16 -9.66 11.60
N GLY B 107 -1.21 -10.33 12.04
CA GLY B 107 -1.20 -11.78 12.09
C GLY B 107 -0.92 -12.45 10.76
N THR B 108 -1.55 -12.01 9.67
CA THR B 108 -1.43 -12.68 8.35
C THR B 108 0.05 -12.73 7.93
N ILE B 109 0.67 -11.55 7.95
CA ILE B 109 2.09 -11.36 7.68
C ILE B 109 2.94 -12.22 8.58
N PHE B 110 2.68 -12.12 9.88
CA PHE B 110 3.46 -12.87 10.85
C PHE B 110 3.40 -14.37 10.57
N ASP B 111 2.19 -14.88 10.36
CA ASP B 111 2.02 -16.30 10.05
C ASP B 111 2.81 -16.66 8.77
N ARG B 112 2.82 -15.75 7.78
CA ARG B 112 3.61 -15.96 6.58
C ARG B 112 5.08 -16.23 6.86
N VAL B 113 5.70 -15.39 7.70
CA VAL B 113 7.06 -15.62 8.20
C VAL B 113 7.20 -17.02 8.80
N LEU B 114 6.28 -17.40 9.67
CA LEU B 114 6.35 -18.69 10.33
C LEU B 114 6.20 -19.84 9.35
N THR B 115 5.28 -19.69 8.40
CA THR B 115 4.94 -20.80 7.52
C THR B 115 5.85 -20.89 6.31
N GLU B 116 6.19 -19.74 5.74
CA GLU B 116 6.91 -19.74 4.48
C GLU B 116 8.39 -19.68 4.72
N LEU B 117 8.81 -19.16 5.86
CA LEU B 117 10.25 -19.15 6.16
C LEU B 117 10.63 -20.12 7.24
N VAL B 118 10.19 -19.85 8.47
CA VAL B 118 10.67 -20.62 9.63
C VAL B 118 10.41 -22.10 9.45
N ALA B 119 9.17 -22.45 9.11
CA ALA B 119 8.79 -23.85 8.91
C ALA B 119 9.63 -24.54 7.84
N LYS B 120 9.71 -23.91 6.66
CA LYS B 120 10.48 -24.49 5.55
C LYS B 120 11.97 -24.67 5.89
N MET B 121 12.57 -23.66 6.53
CA MET B 121 13.92 -23.76 7.07
C MET B 121 14.05 -24.97 8.01
N ARG B 122 13.09 -25.12 8.92
CA ARG B 122 13.08 -26.26 9.86
C ARG B 122 12.99 -27.63 9.18
N ASP B 123 11.98 -27.80 8.31
CA ASP B 123 11.75 -29.09 7.66
C ASP B 123 12.94 -29.55 6.83
N MET B 124 13.65 -28.63 6.18
CA MET B 124 14.85 -29.04 5.43
C MET B 124 16.16 -28.89 6.21
N LYS B 125 16.05 -28.48 7.47
CA LYS B 125 17.22 -28.30 8.33
C LYS B 125 18.27 -27.49 7.61
N MET B 126 18.01 -26.20 7.44
CA MET B 126 18.92 -25.30 6.74
C MET B 126 20.21 -25.11 7.54
N ASP B 127 21.36 -25.26 6.87
CA ASP B 127 22.67 -24.99 7.46
C ASP B 127 22.83 -23.52 7.72
N LYS B 128 23.62 -23.24 8.75
CA LYS B 128 24.22 -21.94 8.95
C LYS B 128 24.98 -21.53 7.69
N THR B 129 25.61 -22.49 7.00
CA THR B 129 26.33 -22.22 5.74
C THR B 129 25.35 -21.80 4.64
N GLU B 130 24.27 -22.56 4.50
CA GLU B 130 23.27 -22.29 3.47
C GLU B 130 22.58 -20.95 3.72
N LEU B 131 22.42 -20.60 5.00
CA LEU B 131 21.83 -19.32 5.35
C LEU B 131 22.74 -18.21 4.86
N GLY B 132 24.01 -18.32 5.22
CA GLY B 132 24.98 -17.32 4.83
C GLY B 132 24.92 -17.04 3.34
N CYS B 133 24.83 -18.11 2.56
CA CYS B 133 24.85 -17.99 1.10
C CYS B 133 23.61 -17.27 0.61
N LEU B 134 22.47 -17.66 1.16
CA LEU B 134 21.21 -17.10 0.75
C LEU B 134 21.27 -15.61 1.04
N ARG B 135 21.73 -15.25 2.22
CA ARG B 135 21.82 -13.84 2.56
C ARG B 135 22.84 -13.11 1.72
N ALA B 136 23.88 -13.80 1.27
CA ALA B 136 24.87 -13.18 0.38
C ALA B 136 24.28 -12.96 -1.00
N ILE B 137 23.51 -13.94 -1.48
CA ILE B 137 22.79 -13.75 -2.73
C ILE B 137 21.82 -12.57 -2.62
N VAL B 138 21.10 -12.47 -1.50
CA VAL B 138 20.26 -11.32 -1.25
C VAL B 138 21.05 -10.01 -1.23
N LEU B 139 22.24 -10.03 -0.61
CA LEU B 139 23.09 -8.85 -0.47
C LEU B 139 23.57 -8.34 -1.82
N PHE B 140 23.96 -9.29 -2.66
CA PHE B 140 24.52 -8.97 -3.97
C PHE B 140 23.37 -8.93 -4.97
N ASN B 141 22.50 -7.96 -4.81
CA ASN B 141 21.35 -7.81 -5.70
C ASN B 141 21.64 -6.91 -6.87
N PRO B 142 21.84 -7.49 -8.05
CA PRO B 142 22.16 -6.65 -9.19
C PRO B 142 21.03 -5.72 -9.63
N ASP B 143 19.84 -5.89 -9.05
CA ASP B 143 18.66 -5.15 -9.47
C ASP B 143 18.47 -3.89 -8.66
N ALA B 144 19.31 -3.66 -7.67
CA ALA B 144 19.20 -2.47 -6.85
C ALA B 144 19.50 -1.24 -7.67
N LYS B 145 18.64 -0.23 -7.55
CA LYS B 145 18.76 0.95 -8.39
C LYS B 145 19.94 1.78 -7.94
N GLY B 146 20.68 2.34 -8.89
CA GLY B 146 21.74 3.32 -8.64
C GLY B 146 23.15 2.75 -8.65
N LEU B 147 23.27 1.43 -8.84
CA LEU B 147 24.58 0.81 -8.76
C LEU B 147 25.47 1.40 -9.84
N THR B 148 26.69 1.79 -9.50
CA THR B 148 27.61 2.21 -10.56
C THR B 148 27.98 1.01 -11.43
N ASP B 149 27.90 -0.18 -10.83
CA ASP B 149 28.44 -1.38 -11.42
C ASP B 149 27.53 -2.62 -11.25
N PRO B 150 26.38 -2.64 -11.95
CA PRO B 150 25.46 -3.77 -11.81
C PRO B 150 26.15 -5.10 -12.19
N SER B 151 26.88 -5.09 -13.29
CA SER B 151 27.52 -6.28 -13.79
C SER B 151 28.54 -6.88 -12.83
N LEU B 152 29.27 -6.05 -12.08
CA LEU B 152 30.17 -6.58 -11.04
C LEU B 152 29.35 -7.22 -9.93
N VAL B 153 28.22 -6.61 -9.59
CA VAL B 153 27.38 -7.16 -8.51
C VAL B 153 26.75 -8.48 -8.93
N GLU B 154 26.39 -8.59 -10.21
CA GLU B 154 25.84 -9.85 -10.72
C GLU B 154 26.86 -10.99 -10.61
N SER B 155 28.12 -10.72 -10.94
CA SER B 155 29.19 -11.74 -10.88
C SER B 155 29.46 -12.27 -9.49
N LEU B 156 29.43 -11.40 -8.48
CA LEU B 156 29.58 -11.87 -7.12
C LEU B 156 28.40 -12.76 -6.72
N ARG B 157 27.17 -12.35 -7.08
CA ARG B 157 25.99 -13.20 -6.88
C ARG B 157 26.27 -14.58 -7.46
N GLU B 158 26.74 -14.61 -8.71
CA GLU B 158 27.05 -15.87 -9.42
C GLU B 158 28.13 -16.69 -8.73
N LYS B 159 29.13 -16.03 -8.20
CA LYS B 159 30.14 -16.76 -7.46
C LYS B 159 29.56 -17.30 -6.15
N VAL B 160 28.61 -16.60 -5.54
CA VAL B 160 28.01 -17.12 -4.32
C VAL B 160 27.17 -18.36 -4.63
N TYR B 161 26.34 -18.30 -5.66
CA TYR B 161 25.45 -19.46 -5.89
C TYR B 161 26.15 -20.71 -6.41
N ALA B 162 27.05 -20.55 -7.37
CA ALA B 162 27.94 -21.65 -7.77
C ALA B 162 28.59 -22.35 -6.57
N SER B 163 29.19 -21.56 -5.67
CA SER B 163 29.81 -22.08 -4.45
C SER B 163 28.80 -22.81 -3.55
N LEU B 164 27.61 -22.22 -3.40
CA LEU B 164 26.52 -22.83 -2.65
C LEU B 164 26.07 -24.18 -3.23
N GLU B 165 25.96 -24.26 -4.56
CA GLU B 165 25.59 -25.51 -5.21
C GLU B 165 26.61 -26.62 -4.91
N GLU B 166 27.90 -26.39 -5.22
CA GLU B 166 28.98 -27.32 -4.88
C GLU B 166 28.81 -27.76 -3.44
N TYR B 167 28.62 -26.78 -2.55
CA TYR B 167 28.47 -27.09 -1.13
C TYR B 167 27.33 -28.07 -0.89
N CYS B 168 26.18 -27.84 -1.51
CA CYS B 168 25.05 -28.74 -1.35
C CYS B 168 25.27 -30.13 -1.93
N LYS B 169 25.95 -30.21 -3.06
CA LYS B 169 26.17 -31.49 -3.70
C LYS B 169 27.23 -32.29 -2.94
N GLN B 170 28.16 -31.60 -2.28
CA GLN B 170 29.21 -32.27 -1.52
C GLN B 170 28.67 -32.69 -0.13
N GLN B 171 27.95 -31.81 0.54
CA GLN B 171 27.46 -32.03 1.90
C GLN B 171 26.12 -32.76 2.00
N TYR B 172 25.26 -32.61 0.99
CA TYR B 172 23.92 -33.22 0.96
C TYR B 172 23.67 -34.09 -0.27
N PRO B 173 24.56 -35.06 -0.53
CA PRO B 173 24.55 -35.73 -1.84
C PRO B 173 23.24 -36.46 -2.09
N GLU B 174 22.65 -37.00 -1.04
CA GLU B 174 21.37 -37.71 -1.17
C GLU B 174 20.13 -36.82 -1.42
N GLN B 175 20.31 -35.51 -1.65
CA GLN B 175 19.16 -34.61 -1.96
C GLN B 175 19.44 -33.77 -3.24
N PRO B 176 19.26 -34.38 -4.43
CA PRO B 176 19.62 -33.71 -5.70
C PRO B 176 19.06 -32.27 -5.87
N GLY B 177 17.82 -32.03 -5.42
CA GLY B 177 17.16 -30.76 -5.63
C GLY B 177 17.20 -29.79 -4.45
N ARG B 178 18.14 -29.98 -3.52
CA ARG B 178 18.28 -29.05 -2.38
C ARG B 178 18.69 -27.61 -2.75
N PHE B 179 19.64 -27.46 -3.66
CA PHE B 179 20.03 -26.14 -4.16
C PHE B 179 18.81 -25.32 -4.57
N ALA B 180 18.12 -25.78 -5.60
CA ALA B 180 16.95 -25.09 -6.11
C ALA B 180 15.95 -24.81 -4.97
N LYS B 181 15.74 -25.80 -4.10
CA LYS B 181 14.82 -25.61 -2.99
C LYS B 181 15.23 -24.43 -2.09
N LEU B 182 16.52 -24.25 -1.86
CA LEU B 182 16.97 -23.06 -1.13
C LEU B 182 16.71 -21.78 -1.91
N LEU B 183 17.04 -21.81 -3.20
CA LEU B 183 16.78 -20.67 -4.07
C LEU B 183 15.33 -20.27 -3.99
N LEU B 184 14.44 -21.25 -4.06
CA LEU B 184 13.01 -20.94 -4.16
C LEU B 184 12.42 -20.48 -2.87
N ARG B 185 13.25 -20.34 -1.86
CA ARG B 185 12.76 -19.63 -0.69
C ARG B 185 12.88 -18.12 -0.82
N LEU B 186 13.52 -17.65 -1.90
CA LEU B 186 13.77 -16.21 -2.04
C LEU B 186 12.58 -15.41 -2.55
N PRO B 187 11.77 -15.96 -3.47
CA PRO B 187 10.54 -15.18 -3.73
C PRO B 187 9.71 -14.91 -2.45
N ALA B 188 9.52 -15.93 -1.62
CA ALA B 188 8.83 -15.76 -0.36
C ALA B 188 9.50 -14.66 0.48
N LEU B 189 10.82 -14.75 0.65
CA LEU B 189 11.58 -13.76 1.41
C LEU B 189 11.30 -12.36 0.85
N ARG B 190 11.05 -12.28 -0.46
CA ARG B 190 10.86 -11.01 -1.13
C ARG B 190 9.45 -10.47 -0.81
N SER B 191 8.43 -11.31 -0.89
CA SER B 191 7.07 -10.95 -0.51
C SER B 191 7.06 -10.49 0.93
N ILE B 192 7.50 -11.38 1.82
CA ILE B 192 7.43 -11.07 3.22
C ILE B 192 8.11 -9.73 3.41
N GLY B 193 9.32 -9.61 2.88
CA GLY B 193 10.08 -8.38 2.99
C GLY B 193 9.29 -7.13 2.64
N LEU B 194 8.50 -7.15 1.56
CA LEU B 194 7.80 -5.95 1.14
C LEU B 194 6.64 -5.69 2.10
N LYS B 195 5.94 -6.76 2.47
CA LYS B 195 4.78 -6.61 3.33
C LYS B 195 5.16 -6.05 4.70
N CYS B 196 6.27 -6.51 5.25
CA CYS B 196 6.71 -6.00 6.55
C CYS B 196 6.89 -4.49 6.54
N LEU B 197 7.33 -3.94 5.43
CA LEU B 197 7.54 -2.50 5.36
C LEU B 197 6.30 -1.68 5.50
N GLU B 198 5.13 -2.31 5.57
CA GLU B 198 3.85 -1.59 5.45
C GLU B 198 3.03 -1.55 6.74
N HIS B 199 3.62 -2.02 7.82
CA HIS B 199 2.96 -2.06 9.10
C HIS B 199 3.97 -1.61 10.12
N LEU B 200 3.60 -0.56 10.84
CA LEU B 200 4.47 0.06 11.82
C LEU B 200 4.96 -0.94 12.90
N PHE B 201 4.17 -1.98 13.13
CA PHE B 201 4.52 -2.97 14.11
C PHE B 201 5.92 -3.48 13.86
N PHE B 202 6.23 -3.71 12.60
CA PHE B 202 7.49 -4.36 12.27
C PHE B 202 8.71 -3.53 12.55
N PHE B 203 8.52 -2.24 12.83
CA PHE B 203 9.66 -1.43 13.20
C PHE B 203 10.38 -2.09 14.38
N LYS B 204 9.62 -2.65 15.31
CA LYS B 204 10.19 -3.32 16.47
C LYS B 204 11.02 -4.54 16.08
N LEU B 205 10.86 -5.03 14.85
CA LEU B 205 11.62 -6.20 14.45
C LEU B 205 12.85 -5.85 13.59
N ILE B 206 12.75 -4.82 12.76
CA ILE B 206 13.79 -4.58 11.75
C ILE B 206 14.19 -3.12 11.60
N GLY B 207 13.69 -2.26 12.49
CA GLY B 207 13.93 -0.81 12.40
C GLY B 207 13.40 -0.29 11.08
N ASP B 208 13.72 0.95 10.72
CA ASP B 208 13.30 1.46 9.42
C ASP B 208 14.42 1.43 8.39
N THR B 209 14.18 1.96 7.20
CA THR B 209 15.21 1.92 6.16
C THR B 209 16.45 2.71 6.59
N PRO B 210 17.63 2.07 6.59
CA PRO B 210 18.90 2.71 6.96
C PRO B 210 19.21 3.93 6.10
N ILE B 211 19.77 4.95 6.74
CA ILE B 211 20.06 6.20 6.07
C ILE B 211 21.50 6.18 5.54
N ASP B 212 21.64 6.63 4.30
CA ASP B 212 22.93 6.88 3.64
C ASP B 212 24.09 7.29 4.57
N THR B 213 24.05 8.55 5.03
CA THR B 213 25.11 9.12 5.87
C THR B 213 25.59 8.09 6.94
N PHE B 214 24.66 7.47 7.64
CA PHE B 214 24.96 6.50 8.68
C PHE B 214 25.66 5.23 8.20
N LEU B 215 25.12 4.60 7.16
CA LEU B 215 25.75 3.42 6.54
C LEU B 215 27.19 3.72 6.12
N MET B 216 27.38 4.92 5.55
CA MET B 216 28.68 5.38 5.11
C MET B 216 29.75 5.21 6.18
N GLU B 217 29.39 4.97 7.44
CA GLU B 217 30.36 4.41 8.41
C GLU B 217 30.55 2.86 8.25
N MET B 218 30.65 2.45 6.98
CA MET B 218 31.18 1.17 6.53
C MET B 218 32.59 1.53 6.04
N LEU B 219 32.90 2.84 6.15
CA LEU B 219 34.19 3.40 5.76
C LEU B 219 35.19 3.38 6.92
N ASP C 1 -24.58 18.22 27.90
CA ASP C 1 -23.93 19.39 27.28
C ASP C 1 -22.51 18.99 26.86
N MET C 2 -21.94 19.81 25.97
CA MET C 2 -20.59 19.61 25.47
C MET C 2 -19.86 20.97 25.53
N PRO C 3 -19.44 21.40 26.76
CA PRO C 3 -18.84 22.74 26.93
C PRO C 3 -17.41 22.83 26.39
N VAL C 4 -17.18 23.77 25.47
CA VAL C 4 -15.86 23.97 24.85
C VAL C 4 -14.72 24.15 25.87
N GLU C 5 -14.98 24.88 26.95
CA GLU C 5 -13.96 25.10 27.97
C GLU C 5 -13.50 23.81 28.66
N LYS C 6 -14.39 22.83 28.73
CA LYS C 6 -14.01 21.52 29.27
C LYS C 6 -13.08 20.77 28.30
N ILE C 7 -13.27 20.99 26.99
CA ILE C 7 -12.35 20.46 25.99
C ILE C 7 -11.02 21.22 26.08
N GLN C 8 -11.09 22.55 26.23
CA GLN C 8 -9.90 23.37 26.40
C GLN C 8 -9.08 22.85 27.55
N GLU C 9 -9.74 22.55 28.66
CA GLU C 9 -9.07 22.03 29.87
C GLU C 9 -8.44 20.67 29.57
N ALA C 10 -9.15 19.84 28.82
CA ALA C 10 -8.64 18.52 28.47
C ALA C 10 -7.28 18.64 27.77
N GLU C 11 -7.24 19.49 26.74
CA GLU C 11 -6.02 19.78 26.00
C GLU C 11 -4.92 20.23 26.91
N MET C 12 -5.26 21.10 27.86
CA MET C 12 -4.29 21.72 28.76
C MET C 12 -3.75 20.75 29.80
N ALA C 13 -4.65 19.96 30.39
CA ALA C 13 -4.26 18.91 31.34
C ALA C 13 -3.16 17.99 30.80
N VAL C 14 -3.04 17.91 29.47
CA VAL C 14 -2.04 17.06 28.85
C VAL C 14 -0.93 17.82 28.10
N GLU C 15 -0.92 19.16 28.18
CA GLU C 15 0.11 19.98 27.53
C GLU C 15 1.45 19.72 28.20
N PRO C 16 2.45 19.36 27.39
CA PRO C 16 3.75 18.91 27.87
C PRO C 16 4.46 19.95 28.74
N ASP C 37 4.65 5.51 23.05
CA ASP C 37 4.02 4.58 23.99
C ASP C 37 3.57 5.23 25.32
N LYS C 38 4.36 6.20 25.79
CA LYS C 38 3.88 7.12 26.80
C LYS C 38 2.81 8.00 26.12
N GLN C 39 2.94 8.13 24.79
CA GLN C 39 1.97 8.83 23.95
C GLN C 39 0.56 8.34 24.23
N LEU C 40 0.38 7.03 24.24
CA LEU C 40 -0.94 6.41 24.39
C LEU C 40 -1.54 6.74 25.75
N VAL C 41 -0.71 6.68 26.78
CA VAL C 41 -1.14 7.04 28.13
C VAL C 41 -1.71 8.44 28.12
N THR C 42 -0.99 9.40 27.56
CA THR C 42 -1.42 10.81 27.59
C THR C 42 -2.63 11.00 26.68
N LEU C 43 -2.75 10.15 25.68
CA LEU C 43 -3.91 10.14 24.84
C LEU C 43 -5.14 9.69 25.64
N VAL C 44 -4.95 8.63 26.42
CA VAL C 44 -5.99 8.09 27.27
C VAL C 44 -6.46 9.11 28.33
N GLU C 45 -5.50 9.79 28.96
CA GLU C 45 -5.83 10.82 29.96
C GLU C 45 -6.63 11.92 29.27
N TRP C 46 -6.22 12.28 28.05
CA TRP C 46 -6.97 13.27 27.27
C TRP C 46 -8.42 12.84 27.05
N ALA C 47 -8.60 11.69 26.40
CA ALA C 47 -9.93 11.17 26.07
C ALA C 47 -10.88 11.18 27.27
N LYS C 48 -10.39 10.66 28.41
CA LYS C 48 -11.19 10.61 29.66
C LYS C 48 -11.76 11.98 30.05
N ARG C 49 -10.95 13.02 29.87
CA ARG C 49 -11.35 14.41 30.14
C ARG C 49 -12.26 15.03 29.07
N ILE C 50 -12.54 14.31 27.98
CA ILE C 50 -13.55 14.75 27.02
C ILE C 50 -14.94 14.39 27.58
N PRO C 51 -15.81 15.41 27.73
CA PRO C 51 -17.17 15.18 28.22
C PRO C 51 -17.85 13.97 27.55
N HIS C 52 -18.28 13.05 28.41
CA HIS C 52 -19.13 11.91 28.03
C HIS C 52 -18.41 10.72 27.39
N PHE C 53 -17.18 10.93 26.95
CA PHE C 53 -16.43 9.84 26.36
C PHE C 53 -16.47 8.63 27.30
N SER C 54 -16.14 8.85 28.57
CA SER C 54 -16.15 7.80 29.60
C SER C 54 -17.52 7.13 29.84
N ASP C 55 -18.59 7.83 29.46
CA ASP C 55 -19.96 7.29 29.52
C ASP C 55 -20.24 6.27 28.41
N LEU C 56 -19.39 6.23 27.38
CA LEU C 56 -19.54 5.28 26.28
C LEU C 56 -19.29 3.88 26.77
N PRO C 57 -20.00 2.90 26.20
CA PRO C 57 -19.64 1.50 26.50
C PRO C 57 -18.14 1.32 26.32
N ILE C 58 -17.50 0.58 27.23
CA ILE C 58 -16.04 0.47 27.31
C ILE C 58 -15.38 -0.06 26.02
N ASP C 59 -16.03 -1.02 25.37
CA ASP C 59 -15.56 -1.59 24.11
C ASP C 59 -15.56 -0.53 23.02
N ASP C 60 -16.54 0.37 23.08
CA ASP C 60 -16.57 1.47 22.12
C ASP C 60 -15.42 2.47 22.41
N GLN C 61 -15.12 2.68 23.69
CA GLN C 61 -14.00 3.55 24.03
C GLN C 61 -12.69 3.03 23.44
N VAL C 62 -12.47 1.72 23.52
CA VAL C 62 -11.25 1.14 22.94
C VAL C 62 -11.25 1.25 21.41
N ILE C 63 -12.38 0.95 20.77
CA ILE C 63 -12.50 1.07 19.33
C ILE C 63 -12.15 2.48 18.84
N LEU C 64 -12.66 3.50 19.49
CA LEU C 64 -12.51 4.86 19.01
C LEU C 64 -11.09 5.31 19.13
N LEU C 65 -10.43 4.89 20.22
CA LEU C 65 -9.02 5.16 20.38
C LEU C 65 -8.15 4.36 19.39
N ARG C 66 -8.40 3.05 19.26
CA ARG C 66 -7.67 2.27 18.26
C ARG C 66 -7.89 2.82 16.86
N ALA C 67 -9.08 3.35 16.56
CA ALA C 67 -9.28 3.96 15.26
C ALA C 67 -8.61 5.33 15.06
N GLY C 68 -8.70 6.22 16.04
CA GLY C 68 -8.29 7.62 15.84
C GLY C 68 -6.87 7.93 16.28
N TRP C 69 -6.29 6.99 17.01
CA TRP C 69 -4.99 7.22 17.61
C TRP C 69 -3.99 7.98 16.74
N ASN C 70 -3.76 7.56 15.51
CA ASN C 70 -2.76 8.22 14.69
C ASN C 70 -3.17 9.65 14.31
N GLU C 71 -4.43 9.84 13.92
CA GLU C 71 -4.90 11.17 13.54
C GLU C 71 -4.80 12.11 14.76
N LEU C 72 -5.11 11.55 15.92
CA LEU C 72 -5.09 12.32 17.15
C LEU C 72 -3.68 12.78 17.46
N LEU C 73 -2.70 11.88 17.30
CA LEU C 73 -1.34 12.24 17.64
C LEU C 73 -0.74 13.17 16.62
N ILE C 74 -1.02 12.91 15.34
CA ILE C 74 -0.53 13.78 14.26
C ILE C 74 -1.06 15.21 14.43
N ALA C 75 -2.35 15.34 14.72
CA ALA C 75 -2.98 16.65 14.85
C ALA C 75 -2.40 17.40 16.04
N ALA C 76 -2.14 16.66 17.11
CA ALA C 76 -1.47 17.26 18.27
C ALA C 76 -0.09 17.81 17.89
N PHE C 77 0.78 16.94 17.35
CA PHE C 77 2.13 17.37 17.05
C PHE C 77 2.19 18.46 15.99
N SER C 78 1.27 18.41 15.02
CA SER C 78 1.14 19.48 14.06
C SER C 78 0.93 20.84 14.71
N HIS C 79 -0.08 20.94 15.57
CA HIS C 79 -0.36 22.19 16.29
C HIS C 79 0.84 22.62 17.12
N ARG C 80 1.38 21.71 17.91
CA ARG C 80 2.61 22.00 18.68
C ARG C 80 3.73 22.61 17.84
N SER C 81 3.77 22.26 16.55
CA SER C 81 4.85 22.66 15.65
C SER C 81 4.64 24.02 14.99
N ILE C 82 3.45 24.60 15.18
CA ILE C 82 3.10 25.88 14.61
C ILE C 82 4.26 26.92 14.73
N ASP C 83 4.95 26.94 15.87
CA ASP C 83 6.01 27.92 16.07
C ASP C 83 7.34 27.41 15.52
N VAL C 84 7.57 26.10 15.60
CA VAL C 84 8.84 25.52 15.18
C VAL C 84 9.15 25.88 13.73
N LYS C 85 10.36 26.37 13.48
CA LYS C 85 10.88 26.46 12.12
C LYS C 85 11.20 25.05 11.61
N ASP C 86 11.58 24.92 10.35
CA ASP C 86 12.06 23.63 9.92
C ASP C 86 10.99 22.53 10.00
N GLY C 87 10.98 21.76 11.09
CA GLY C 87 10.20 20.50 11.10
C GLY C 87 9.04 20.41 12.06
N ILE C 88 8.96 19.29 12.77
CA ILE C 88 7.92 19.07 13.77
C ILE C 88 8.53 18.87 15.15
N LEU C 89 7.74 19.14 16.18
CA LEU C 89 8.19 18.99 17.55
C LEU C 89 7.24 18.10 18.34
N LEU C 90 7.77 16.99 18.86
CA LEU C 90 6.97 16.08 19.67
C LEU C 90 6.89 16.49 21.14
N ALA C 91 5.88 16.00 21.85
CA ALA C 91 5.71 16.31 23.26
C ALA C 91 6.92 15.86 24.09
N SER C 92 7.53 14.74 23.71
CA SER C 92 8.71 14.23 24.40
C SER C 92 9.91 15.13 24.13
N GLY C 93 9.69 16.26 23.44
CA GLY C 93 10.79 17.14 23.02
C GLY C 93 11.64 16.62 21.86
N LEU C 94 11.37 15.42 21.35
CA LEU C 94 12.02 14.98 20.12
C LEU C 94 11.69 16.02 19.04
N HIS C 95 12.74 16.57 18.43
CA HIS C 95 12.62 17.60 17.40
C HIS C 95 13.03 16.96 16.07
N VAL C 96 12.07 16.65 15.18
CA VAL C 96 12.40 15.84 14.00
C VAL C 96 13.25 16.48 12.92
N HIS C 97 12.79 17.52 12.24
CA HIS C 97 13.67 18.18 11.23
C HIS C 97 13.36 17.68 9.82
N ARG C 98 13.22 18.61 8.89
CA ARG C 98 12.79 18.32 7.53
C ARG C 98 13.73 17.38 6.77
N SER C 99 15.04 17.61 6.84
CA SER C 99 15.91 16.76 6.03
C SER C 99 16.16 15.41 6.66
N SER C 100 16.10 15.35 7.98
CA SER C 100 16.02 14.09 8.71
C SER C 100 14.96 13.19 8.08
N ALA C 101 13.76 13.74 7.89
CA ALA C 101 12.70 12.99 7.22
C ALA C 101 13.01 12.67 5.74
N HIS C 102 13.58 13.65 5.01
CA HIS C 102 13.95 13.42 3.61
C HIS C 102 14.99 12.32 3.46
N GLN C 103 15.97 12.31 4.37
CA GLN C 103 16.96 11.23 4.37
C GLN C 103 16.36 9.87 4.64
N ALA C 104 15.27 9.82 5.41
CA ALA C 104 14.63 8.53 5.71
C ALA C 104 13.67 8.11 4.61
N GLY C 105 13.57 8.94 3.57
CA GLY C 105 12.81 8.62 2.39
C GLY C 105 11.30 8.83 2.53
N VAL C 106 10.92 9.62 3.54
CA VAL C 106 9.52 9.92 3.79
C VAL C 106 9.27 11.42 3.59
N GLY C 107 10.11 12.05 2.78
CA GLY C 107 9.99 13.49 2.56
C GLY C 107 8.64 13.98 2.05
N THR C 108 8.04 13.30 1.08
CA THR C 108 6.73 13.74 0.53
C THR C 108 5.66 13.82 1.62
N ILE C 109 5.50 12.72 2.36
CA ILE C 109 4.54 12.66 3.46
C ILE C 109 4.88 13.70 4.53
N PHE C 110 6.14 13.79 4.91
CA PHE C 110 6.54 14.77 5.88
C PHE C 110 6.17 16.18 5.43
N ASP C 111 6.50 16.51 4.18
CA ASP C 111 6.19 17.83 3.62
C ASP C 111 4.68 18.06 3.72
N ARG C 112 3.88 17.01 3.51
CA ARG C 112 2.42 17.13 3.61
C ARG C 112 1.97 17.61 4.99
N VAL C 113 2.49 16.96 6.04
CA VAL C 113 2.23 17.39 7.40
C VAL C 113 2.55 18.89 7.54
N LEU C 114 3.72 19.31 7.07
CA LEU C 114 4.15 20.72 7.19
C LEU C 114 3.29 21.66 6.39
N THR C 115 2.92 21.28 5.16
CA THR C 115 2.14 22.19 4.33
C THR C 115 0.65 22.11 4.60
N GLU C 116 0.12 20.90 4.78
CA GLU C 116 -1.31 20.73 4.88
C GLU C 116 -1.85 20.88 6.30
N LEU C 117 -1.00 20.61 7.28
CA LEU C 117 -1.42 20.79 8.68
C LEU C 117 -0.75 21.96 9.38
N VAL C 118 0.56 21.87 9.62
CA VAL C 118 1.23 22.89 10.42
C VAL C 118 1.11 24.30 9.84
N ALA C 119 1.43 24.49 8.56
CA ALA C 119 1.24 25.78 7.89
C ALA C 119 -0.20 26.31 8.00
N LYS C 120 -1.19 25.51 7.67
CA LYS C 120 -2.57 25.98 7.74
C LYS C 120 -3.02 26.36 9.15
N MET C 121 -2.60 25.56 10.15
CA MET C 121 -2.83 25.88 11.56
C MET C 121 -2.17 27.24 11.89
N ARG C 122 -0.93 27.44 11.42
CA ARG C 122 -0.20 28.69 11.63
C ARG C 122 -0.91 29.90 11.04
N ASP C 123 -1.22 29.86 9.74
CA ASP C 123 -1.80 31.03 9.06
C ASP C 123 -3.12 31.43 9.65
N MET C 124 -3.87 30.46 10.16
CA MET C 124 -5.19 30.76 10.71
C MET C 124 -5.15 30.92 12.24
N LYS C 125 -3.92 30.77 12.79
CA LYS C 125 -3.68 30.80 14.23
C LYS C 125 -4.74 29.97 14.97
N MET C 126 -4.69 28.65 14.82
CA MET C 126 -5.66 27.79 15.48
C MET C 126 -5.53 27.86 16.99
N ASP C 127 -6.65 28.03 17.69
CA ASP C 127 -6.70 27.98 19.16
C ASP C 127 -6.41 26.59 19.67
N LYS C 128 -5.90 26.54 20.91
CA LYS C 128 -5.87 25.31 21.67
C LYS C 128 -7.28 24.77 21.80
N THR C 129 -8.26 25.66 21.86
CA THR C 129 -9.64 25.27 22.00
C THR C 129 -10.14 24.64 20.72
N GLU C 130 -9.80 25.25 19.59
CA GLU C 130 -10.19 24.70 18.29
C GLU C 130 -9.50 23.36 18.01
N LEU C 131 -8.28 23.19 18.52
CA LEU C 131 -7.57 21.92 18.42
C LEU C 131 -8.34 20.84 19.18
N GLY C 132 -8.60 21.11 20.45
CA GLY C 132 -9.39 20.21 21.27
C GLY C 132 -10.63 19.70 20.57
N CYS C 133 -11.41 20.60 19.97
CA CYS C 133 -12.65 20.24 19.32
C CYS C 133 -12.39 19.33 18.13
N LEU C 134 -11.42 19.71 17.29
CA LEU C 134 -11.18 19.01 16.09
C LEU C 134 -10.78 17.59 16.47
N ARG C 135 -9.92 17.46 17.48
CA ARG C 135 -9.49 16.16 17.96
C ARG C 135 -10.63 15.37 18.62
N ALA C 136 -11.54 16.06 19.30
CA ALA C 136 -12.76 15.44 19.81
C ALA C 136 -13.62 14.92 18.66
N ILE C 137 -13.83 15.75 17.64
CA ILE C 137 -14.58 15.28 16.49
C ILE C 137 -13.97 13.99 15.92
N VAL C 138 -12.62 13.94 15.86
CA VAL C 138 -11.91 12.80 15.32
C VAL C 138 -12.08 11.60 16.26
N LEU C 139 -12.03 11.84 17.56
CA LEU C 139 -12.18 10.75 18.53
C LEU C 139 -13.55 10.12 18.44
N PHE C 140 -14.56 10.97 18.24
CA PHE C 140 -15.95 10.54 18.18
C PHE C 140 -16.32 10.21 16.73
N ASN C 141 -15.63 9.23 16.17
CA ASN C 141 -15.86 8.81 14.79
C ASN C 141 -16.89 7.72 14.69
N PRO C 142 -18.10 8.07 14.23
CA PRO C 142 -19.13 7.05 14.19
C PRO C 142 -18.93 6.02 13.10
N ASP C 143 -17.93 6.19 12.24
CA ASP C 143 -17.63 5.21 11.17
C ASP C 143 -16.73 4.06 11.63
N ALA C 144 -16.20 4.15 12.85
CA ALA C 144 -15.32 3.15 13.41
C ALA C 144 -16.04 1.82 13.42
N LYS C 145 -15.42 0.78 12.86
CA LYS C 145 -16.05 -0.54 12.76
C LYS C 145 -16.17 -1.22 14.14
N GLY C 146 -17.34 -1.80 14.43
CA GLY C 146 -17.50 -2.60 15.63
C GLY C 146 -18.18 -1.90 16.80
N LEU C 147 -18.54 -0.64 16.61
CA LEU C 147 -19.18 0.13 17.65
C LEU C 147 -20.52 -0.50 18.02
N THR C 148 -20.78 -0.67 19.31
CA THR C 148 -22.08 -1.20 19.74
C THR C 148 -23.16 -0.14 19.46
N ASP C 149 -22.76 1.12 19.49
CA ASP C 149 -23.70 2.24 19.46
C ASP C 149 -23.18 3.37 18.59
N PRO C 150 -23.24 3.21 17.25
CA PRO C 150 -22.66 4.29 16.42
C PRO C 150 -23.53 5.56 16.51
N SER C 151 -24.85 5.41 16.59
CA SER C 151 -25.76 6.53 16.83
C SER C 151 -25.42 7.41 18.03
N LEU C 152 -25.10 6.80 19.18
CA LEU C 152 -24.66 7.58 20.35
C LEU C 152 -23.33 8.31 20.10
N VAL C 153 -22.43 7.64 19.38
CA VAL C 153 -21.14 8.22 19.04
C VAL C 153 -21.32 9.40 18.09
N GLU C 154 -22.28 9.27 17.18
CA GLU C 154 -22.61 10.32 16.23
C GLU C 154 -23.10 11.59 16.96
N SER C 155 -23.92 11.37 17.99
CA SER C 155 -24.50 12.48 18.75
C SER C 155 -23.46 13.29 19.49
N LEU C 156 -22.46 12.63 20.07
CA LEU C 156 -21.39 13.35 20.76
C LEU C 156 -20.57 14.17 19.78
N ARG C 157 -20.32 13.61 18.60
CA ARG C 157 -19.66 14.33 17.54
C ARG C 157 -20.45 15.61 17.30
N GLU C 158 -21.75 15.47 17.12
CA GLU C 158 -22.65 16.61 16.85
C GLU C 158 -22.66 17.65 17.94
N LYS C 159 -22.61 17.19 19.19
CA LYS C 159 -22.51 18.11 20.30
C LYS C 159 -21.14 18.80 20.30
N VAL C 160 -20.07 18.13 19.87
CA VAL C 160 -18.79 18.83 19.75
C VAL C 160 -18.82 19.89 18.65
N TYR C 161 -19.28 19.53 17.46
CA TYR C 161 -19.20 20.53 16.39
C TYR C 161 -20.09 21.77 16.56
N ALA C 162 -21.34 21.55 16.95
CA ALA C 162 -22.23 22.69 17.30
C ALA C 162 -21.57 23.62 18.34
N SER C 163 -21.05 23.03 19.41
CA SER C 163 -20.35 23.74 20.44
C SER C 163 -19.12 24.49 19.88
N LEU C 164 -18.35 23.85 19.00
CA LEU C 164 -17.21 24.49 18.29
C LEU C 164 -17.65 25.67 17.43
N GLU C 165 -18.78 25.55 16.74
CA GLU C 165 -19.33 26.62 15.90
C GLU C 165 -19.65 27.88 16.71
N GLU C 166 -20.44 27.73 17.79
CA GLU C 166 -20.78 28.90 18.64
C GLU C 166 -19.49 29.54 19.13
N TYR C 167 -18.55 28.71 19.59
CA TYR C 167 -17.24 29.19 20.02
C TYR C 167 -16.55 30.04 18.96
N CYS C 168 -16.57 29.59 17.71
CA CYS C 168 -15.96 30.33 16.63
C CYS C 168 -16.71 31.62 16.28
N LYS C 169 -18.03 31.61 16.34
CA LYS C 169 -18.80 32.83 16.09
C LYS C 169 -18.72 33.83 17.25
N GLN C 170 -18.49 33.32 18.45
CA GLN C 170 -18.33 34.14 19.66
C GLN C 170 -16.95 34.81 19.68
N GLN C 171 -15.93 33.99 19.45
CA GLN C 171 -14.53 34.36 19.64
C GLN C 171 -13.93 35.02 18.41
N TYR C 172 -14.42 34.64 17.22
CA TYR C 172 -13.83 35.11 15.96
C TYR C 172 -14.90 35.69 15.03
N PRO C 173 -15.69 36.65 15.54
CA PRO C 173 -16.88 37.12 14.82
C PRO C 173 -16.52 37.67 13.44
N GLU C 174 -15.35 38.30 13.35
CA GLU C 174 -14.82 38.84 12.10
C GLU C 174 -14.50 37.82 10.98
N GLN C 175 -14.68 36.52 11.23
CA GLN C 175 -14.32 35.46 10.25
C GLN C 175 -15.47 34.45 10.03
N PRO C 176 -16.51 34.81 9.23
CA PRO C 176 -17.72 33.97 9.12
C PRO C 176 -17.46 32.52 8.78
N GLY C 177 -16.49 32.26 7.89
CA GLY C 177 -16.21 30.89 7.47
C GLY C 177 -15.10 30.15 8.21
N ARG C 178 -14.79 30.56 9.43
CA ARG C 178 -13.72 29.92 10.22
C ARG C 178 -14.03 28.46 10.61
N PHE C 179 -15.27 28.21 11.01
CA PHE C 179 -15.71 26.89 11.41
C PHE C 179 -15.46 25.85 10.29
N ALA C 180 -16.01 26.14 9.11
CA ALA C 180 -15.88 25.28 7.95
C ALA C 180 -14.41 25.08 7.65
N LYS C 181 -13.64 26.17 7.73
CA LYS C 181 -12.20 26.14 7.51
C LYS C 181 -11.52 25.13 8.42
N LEU C 182 -11.86 25.13 9.71
CA LEU C 182 -11.32 24.12 10.63
C LEU C 182 -11.76 22.70 10.20
N LEU C 183 -13.05 22.53 9.95
CA LEU C 183 -13.56 21.24 9.53
C LEU C 183 -12.82 20.69 8.33
N LEU C 184 -12.55 21.57 7.37
CA LEU C 184 -11.97 21.18 6.10
C LEU C 184 -10.47 20.85 6.20
N ARG C 185 -9.94 20.94 7.41
CA ARG C 185 -8.64 20.41 7.67
C ARG C 185 -8.69 18.89 7.98
N LEU C 186 -9.90 18.32 8.09
CA LEU C 186 -10.01 16.93 8.48
C LEU C 186 -9.72 15.94 7.36
N PRO C 187 -10.15 16.22 6.11
CA PRO C 187 -9.75 15.26 5.07
C PRO C 187 -8.24 15.17 4.94
N ALA C 188 -7.55 16.31 4.97
CA ALA C 188 -6.08 16.31 5.01
C ALA C 188 -5.55 15.44 6.16
N LEU C 189 -6.08 15.64 7.36
CA LEU C 189 -5.65 14.89 8.53
C LEU C 189 -5.87 13.39 8.32
N ARG C 190 -6.89 13.05 7.53
CA ARG C 190 -7.21 11.66 7.22
C ARG C 190 -6.21 11.09 6.20
N SER C 191 -5.89 11.82 5.13
CA SER C 191 -4.88 11.39 4.11
C SER C 191 -3.56 11.15 4.76
N ILE C 192 -3.02 12.20 5.38
CA ILE C 192 -1.77 12.12 6.07
C ILE C 192 -1.79 10.91 6.99
N GLY C 193 -2.85 10.81 7.80
CA GLY C 193 -2.98 9.72 8.75
C GLY C 193 -2.74 8.37 8.13
N LEU C 194 -3.38 8.10 7.00
CA LEU C 194 -3.24 6.80 6.35
C LEU C 194 -1.81 6.60 5.84
N LYS C 195 -1.27 7.61 5.19
CA LYS C 195 0.01 7.48 4.61
C LYS C 195 1.09 7.26 5.68
N CYS C 196 0.99 7.94 6.80
CA CYS C 196 1.89 7.68 7.90
C CYS C 196 2.02 6.22 8.30
N LEU C 197 0.91 5.50 8.24
CA LEU C 197 0.85 4.07 8.61
C LEU C 197 1.65 3.15 7.70
N GLU C 198 2.17 3.69 6.61
CA GLU C 198 2.78 2.85 5.59
C GLU C 198 4.28 3.04 5.48
N HIS C 199 4.91 3.68 6.46
CA HIS C 199 6.37 3.83 6.45
C HIS C 199 6.89 3.66 7.85
N LEU C 200 7.77 2.70 7.99
CA LEU C 200 8.33 2.34 9.26
C LEU C 200 8.88 3.53 10.03
N PHE C 201 9.27 4.55 9.27
CA PHE C 201 9.89 5.75 9.85
C PHE C 201 8.99 6.30 10.95
N PHE C 202 7.71 6.41 10.64
CA PHE C 202 6.78 7.11 11.50
C PHE C 202 6.48 6.39 12.80
N PHE C 203 6.98 5.18 12.97
CA PHE C 203 6.84 4.54 14.27
C PHE C 203 7.51 5.41 15.33
N LYS C 204 8.57 6.10 14.93
CA LYS C 204 9.27 7.05 15.80
C LYS C 204 8.40 8.23 16.20
N LEU C 205 7.36 8.55 15.42
CA LEU C 205 6.51 9.68 15.77
C LEU C 205 5.22 9.30 16.48
N ILE C 206 4.68 8.13 16.19
CA ILE C 206 3.33 7.82 16.66
C ILE C 206 3.18 6.40 17.21
N GLY C 207 4.27 5.64 17.25
CA GLY C 207 4.26 4.22 17.65
C GLY C 207 3.39 3.45 16.70
N ASP C 208 3.03 2.21 17.03
CA ASP C 208 2.08 1.49 16.15
C ASP C 208 0.66 1.46 16.68
N THR C 209 -0.22 0.73 16.00
CA THR C 209 -1.61 0.68 16.44
C THR C 209 -1.73 0.08 17.84
N PRO C 210 -2.47 0.76 18.74
CA PRO C 210 -2.60 0.36 20.15
C PRO C 210 -3.33 -0.96 20.25
N ILE C 211 -2.94 -1.76 21.23
CA ILE C 211 -3.51 -3.10 21.41
C ILE C 211 -4.67 -3.05 22.40
N ASP C 212 -5.77 -3.71 22.02
CA ASP C 212 -6.95 -3.95 22.89
C ASP C 212 -6.65 -4.06 24.39
N THR C 213 -6.10 -5.21 24.77
CA THR C 213 -5.75 -5.51 26.14
C THR C 213 -5.20 -4.28 26.84
N PHE C 214 -4.19 -3.64 26.25
CA PHE C 214 -3.52 -2.49 26.86
C PHE C 214 -4.40 -1.26 27.02
N LEU C 215 -5.13 -0.88 25.98
CA LEU C 215 -6.08 0.25 26.07
C LEU C 215 -7.12 0.02 27.16
N MET C 216 -7.60 -1.22 27.26
CA MET C 216 -8.53 -1.65 28.28
C MET C 216 -8.14 -1.19 29.71
N GLU C 217 -6.88 -0.76 29.91
CA GLU C 217 -6.52 0.06 31.09
C GLU C 217 -6.94 1.55 30.90
N MET C 218 -8.18 1.72 30.40
CA MET C 218 -8.98 2.95 30.48
C MET C 218 -9.97 2.68 31.62
N LEU C 219 -9.89 1.45 32.15
CA LEU C 219 -10.78 0.96 33.22
C LEU C 219 -10.21 1.24 34.62
N ASP D 1 -19.43 35.93 -7.63
CA ASP D 1 -20.43 35.16 -6.82
C ASP D 1 -20.28 33.65 -7.10
N MET D 2 -20.82 32.84 -6.20
CA MET D 2 -20.79 31.40 -6.36
C MET D 2 -22.22 30.91 -6.06
N PRO D 3 -23.12 31.01 -7.06
CA PRO D 3 -24.55 30.82 -6.81
C PRO D 3 -24.93 29.34 -6.84
N VAL D 4 -25.53 28.83 -5.76
CA VAL D 4 -25.78 27.37 -5.63
C VAL D 4 -26.63 26.77 -6.76
N GLU D 5 -27.57 27.54 -7.27
CA GLU D 5 -28.41 27.03 -8.35
C GLU D 5 -27.61 26.80 -9.64
N LYS D 6 -26.50 27.52 -9.79
CA LYS D 6 -25.63 27.28 -10.95
C LYS D 6 -24.84 25.96 -10.78
N ILE D 7 -24.49 25.63 -9.54
CA ILE D 7 -23.89 24.34 -9.21
C ILE D 7 -24.94 23.22 -9.42
N GLN D 8 -26.16 23.48 -8.94
CA GLN D 8 -27.30 22.55 -9.12
C GLN D 8 -27.50 22.23 -10.59
N GLU D 9 -27.43 23.27 -11.43
CA GLU D 9 -27.57 23.11 -12.88
C GLU D 9 -26.41 22.26 -13.41
N ALA D 10 -25.20 22.52 -12.88
CA ALA D 10 -24.02 21.79 -13.30
C ALA D 10 -24.29 20.31 -13.10
N GLU D 11 -24.73 19.95 -11.90
CA GLU D 11 -25.08 18.56 -11.57
C GLU D 11 -26.08 17.97 -12.56
N MET D 12 -27.12 18.74 -12.87
CA MET D 12 -28.21 18.27 -13.70
C MET D 12 -27.78 18.11 -15.15
N ALA D 13 -27.07 19.11 -15.67
CA ALA D 13 -26.59 19.08 -17.04
C ALA D 13 -25.87 17.76 -17.38
N VAL D 14 -25.33 17.10 -16.35
CA VAL D 14 -24.57 15.87 -16.55
C VAL D 14 -25.31 14.63 -15.97
N GLU D 15 -26.54 14.82 -15.48
CA GLU D 15 -27.31 13.68 -14.92
C GLU D 15 -27.72 12.68 -16.04
N PRO D 16 -27.41 11.39 -15.82
CA PRO D 16 -27.53 10.32 -16.82
C PRO D 16 -28.93 10.20 -17.46
N ASP D 37 -13.90 6.06 -18.77
CA ASP D 37 -13.31 6.99 -19.78
C ASP D 37 -14.28 8.00 -20.50
N LYS D 38 -15.51 7.60 -20.77
CA LYS D 38 -16.60 8.58 -20.97
C LYS D 38 -16.83 9.31 -19.65
N GLN D 39 -16.52 8.65 -18.53
CA GLN D 39 -16.60 9.26 -17.21
C GLN D 39 -15.87 10.59 -17.17
N LEU D 40 -14.62 10.58 -17.61
CA LEU D 40 -13.80 11.79 -17.64
C LEU D 40 -14.38 12.90 -18.47
N VAL D 41 -14.98 12.54 -19.60
CA VAL D 41 -15.63 13.53 -20.42
C VAL D 41 -16.70 14.24 -19.60
N THR D 42 -17.61 13.46 -19.03
CA THR D 42 -18.75 14.05 -18.32
C THR D 42 -18.29 14.77 -17.04
N LEU D 43 -17.16 14.34 -16.48
CA LEU D 43 -16.55 15.06 -15.36
C LEU D 43 -16.07 16.42 -15.82
N VAL D 44 -15.50 16.48 -17.03
CA VAL D 44 -14.98 17.71 -17.58
C VAL D 44 -16.13 18.69 -17.89
N GLU D 45 -17.20 18.18 -18.49
CA GLU D 45 -18.36 19.03 -18.80
C GLU D 45 -18.92 19.59 -17.50
N TRP D 46 -18.90 18.76 -16.46
CA TRP D 46 -19.38 19.15 -15.14
C TRP D 46 -18.54 20.30 -14.59
N ALA D 47 -17.23 20.11 -14.50
CA ALA D 47 -16.34 21.14 -13.93
C ALA D 47 -16.42 22.49 -14.68
N LYS D 48 -16.45 22.45 -16.01
CA LYS D 48 -16.60 23.66 -16.82
C LYS D 48 -17.80 24.52 -16.36
N ARG D 49 -18.85 23.82 -15.94
CA ARG D 49 -20.11 24.43 -15.55
C ARG D 49 -20.11 24.91 -14.10
N ILE D 50 -19.03 24.64 -13.36
CA ILE D 50 -18.89 25.20 -12.03
C ILE D 50 -18.34 26.62 -12.18
N PRO D 51 -19.05 27.59 -11.59
CA PRO D 51 -18.66 29.00 -11.66
C PRO D 51 -17.17 29.18 -11.39
N HIS D 52 -16.50 29.82 -12.35
CA HIS D 52 -15.14 30.30 -12.18
C HIS D 52 -14.06 29.28 -12.46
N PHE D 53 -14.42 27.98 -12.43
CA PHE D 53 -13.42 26.94 -12.68
C PHE D 53 -12.64 27.25 -13.94
N SER D 54 -13.35 27.52 -15.05
CA SER D 54 -12.75 27.87 -16.34
C SER D 54 -11.87 29.16 -16.33
N ASP D 55 -12.07 30.00 -15.33
CA ASP D 55 -11.25 31.20 -15.13
C ASP D 55 -9.91 30.87 -14.50
N LEU D 56 -9.76 29.63 -14.03
CA LEU D 56 -8.53 29.16 -13.39
C LEU D 56 -7.46 28.99 -14.46
N PRO D 57 -6.18 29.27 -14.14
CA PRO D 57 -5.18 29.02 -15.18
C PRO D 57 -5.27 27.54 -15.57
N ILE D 58 -5.09 27.25 -16.84
CA ILE D 58 -5.45 25.96 -17.43
C ILE D 58 -4.67 24.77 -16.84
N ASP D 59 -3.41 25.01 -16.45
CA ASP D 59 -2.62 23.98 -15.77
C ASP D 59 -3.19 23.64 -14.41
N ASP D 60 -3.76 24.65 -13.74
CA ASP D 60 -4.42 24.40 -12.46
C ASP D 60 -5.73 23.64 -12.68
N GLN D 61 -6.43 23.94 -13.77
CA GLN D 61 -7.59 23.16 -14.15
C GLN D 61 -7.27 21.67 -14.31
N VAL D 62 -6.14 21.38 -14.94
CA VAL D 62 -5.67 19.98 -15.11
C VAL D 62 -5.36 19.33 -13.78
N ILE D 63 -4.60 20.04 -12.96
CA ILE D 63 -4.14 19.50 -11.68
C ILE D 63 -5.35 19.13 -10.81
N LEU D 64 -6.31 20.04 -10.70
CA LEU D 64 -7.45 19.84 -9.84
C LEU D 64 -8.28 18.61 -10.25
N LEU D 65 -8.48 18.43 -11.55
CA LEU D 65 -9.18 17.26 -12.03
C LEU D 65 -8.34 15.98 -11.86
N ARG D 66 -7.04 16.04 -12.14
CA ARG D 66 -6.19 14.90 -11.89
C ARG D 66 -6.13 14.57 -10.40
N ALA D 67 -6.22 15.56 -9.54
CA ALA D 67 -6.23 15.24 -8.12
C ALA D 67 -7.57 14.69 -7.65
N GLY D 68 -8.66 15.26 -8.12
CA GLY D 68 -9.95 15.00 -7.48
C GLY D 68 -10.79 13.96 -8.21
N TRP D 69 -10.34 13.61 -9.41
CA TRP D 69 -11.09 12.69 -10.26
C TRP D 69 -11.74 11.52 -9.50
N ASN D 70 -11.00 10.86 -8.63
CA ASN D 70 -11.52 9.62 -8.06
C ASN D 70 -12.58 9.90 -7.00
N GLU D 71 -12.37 10.92 -6.19
CA GLU D 71 -13.34 11.29 -5.17
C GLU D 71 -14.58 11.88 -5.81
N LEU D 72 -14.38 12.63 -6.89
CA LEU D 72 -15.51 13.21 -7.63
C LEU D 72 -16.43 12.15 -8.20
N LEU D 73 -15.85 11.11 -8.77
CA LEU D 73 -16.63 10.03 -9.32
C LEU D 73 -17.27 9.12 -8.27
N ILE D 74 -16.55 8.86 -7.17
CA ILE D 74 -17.08 8.01 -6.14
C ILE D 74 -18.27 8.68 -5.52
N ALA D 75 -18.13 9.99 -5.25
CA ALA D 75 -19.19 10.85 -4.65
C ALA D 75 -20.42 10.82 -5.50
N ALA D 76 -20.24 10.98 -6.79
CA ALA D 76 -21.32 10.87 -7.77
C ALA D 76 -22.04 9.56 -7.68
N PHE D 77 -21.32 8.44 -7.91
CA PHE D 77 -22.01 7.14 -7.88
C PHE D 77 -22.64 6.82 -6.55
N SER D 78 -21.99 7.19 -5.45
CA SER D 78 -22.57 7.00 -4.14
C SER D 78 -23.93 7.66 -3.99
N HIS D 79 -24.04 8.92 -4.36
CA HIS D 79 -25.30 9.59 -4.34
C HIS D 79 -26.33 8.90 -5.27
N ARG D 80 -25.93 8.64 -6.51
CA ARG D 80 -26.82 7.96 -7.44
C ARG D 80 -27.33 6.61 -6.88
N SER D 81 -26.65 6.05 -5.89
CA SER D 81 -26.97 4.69 -5.43
C SER D 81 -27.92 4.71 -4.21
N ILE D 82 -28.19 5.92 -3.70
CA ILE D 82 -29.08 6.10 -2.56
C ILE D 82 -30.32 5.21 -2.66
N ASP D 83 -30.89 5.13 -3.86
CA ASP D 83 -32.11 4.39 -4.09
C ASP D 83 -31.86 2.91 -4.19
N VAL D 84 -30.85 2.54 -4.96
CA VAL D 84 -30.47 1.14 -5.20
C VAL D 84 -30.36 0.34 -3.90
N LYS D 85 -31.02 -0.81 -3.81
CA LYS D 85 -30.75 -1.70 -2.69
C LYS D 85 -29.50 -2.48 -3.06
N ASP D 86 -29.02 -3.35 -2.19
CA ASP D 86 -27.82 -4.13 -2.55
C ASP D 86 -26.51 -3.27 -2.76
N GLY D 87 -26.14 -2.92 -4.00
CA GLY D 87 -24.84 -2.28 -4.20
C GLY D 87 -24.86 -0.85 -4.72
N ILE D 88 -24.13 -0.60 -5.80
CA ILE D 88 -24.03 0.74 -6.34
C ILE D 88 -24.42 0.75 -7.83
N LEU D 89 -24.83 1.91 -8.32
CA LEU D 89 -25.20 2.05 -9.71
C LEU D 89 -24.41 3.15 -10.40
N LEU D 90 -23.69 2.79 -11.46
CA LEU D 90 -22.92 3.75 -12.24
C LEU D 90 -23.78 4.48 -13.27
N ALA D 91 -23.32 5.65 -13.73
CA ALA D 91 -24.03 6.41 -14.77
C ALA D 91 -24.26 5.62 -16.06
N SER D 92 -23.29 4.80 -16.41
CA SER D 92 -23.39 3.93 -17.59
C SER D 92 -24.41 2.83 -17.38
N GLY D 93 -25.19 2.90 -16.31
CA GLY D 93 -26.09 1.82 -15.95
C GLY D 93 -25.44 0.53 -15.47
N LEU D 94 -24.10 0.43 -15.44
CA LEU D 94 -23.50 -0.75 -14.79
C LEU D 94 -23.95 -0.76 -13.34
N HIS D 95 -24.48 -1.90 -12.92
CA HIS D 95 -25.02 -2.05 -11.59
C HIS D 95 -24.13 -3.08 -10.89
N VAL D 96 -23.29 -2.64 -9.93
CA VAL D 96 -22.27 -3.53 -9.39
C VAL D 96 -22.72 -4.68 -8.50
N HIS D 97 -23.26 -4.42 -7.32
CA HIS D 97 -23.74 -5.56 -6.47
C HIS D 97 -22.71 -6.00 -5.46
N ARG D 98 -23.17 -6.21 -4.24
CA ARG D 98 -22.27 -6.32 -3.11
C ARG D 98 -21.48 -7.63 -3.17
N SER D 99 -22.16 -8.67 -3.63
CA SER D 99 -21.55 -9.98 -3.70
C SER D 99 -20.44 -9.97 -4.73
N SER D 100 -20.74 -9.37 -5.87
CA SER D 100 -19.76 -9.27 -6.91
C SER D 100 -18.44 -8.62 -6.38
N ALA D 101 -18.55 -7.55 -5.61
CA ALA D 101 -17.37 -6.93 -5.04
C ALA D 101 -16.69 -7.80 -3.99
N HIS D 102 -17.45 -8.62 -3.27
CA HIS D 102 -16.82 -9.49 -2.28
C HIS D 102 -16.15 -10.65 -2.95
N GLN D 103 -16.71 -11.11 -4.06
CA GLN D 103 -16.05 -12.15 -4.81
C GLN D 103 -14.72 -11.63 -5.35
N ALA D 104 -14.68 -10.35 -5.71
CA ALA D 104 -13.45 -9.74 -6.24
C ALA D 104 -12.42 -9.47 -5.17
N GLY D 105 -12.75 -9.75 -3.92
CA GLY D 105 -11.80 -9.52 -2.84
C GLY D 105 -11.66 -8.07 -2.39
N VAL D 106 -12.55 -7.18 -2.84
CA VAL D 106 -12.61 -5.80 -2.36
C VAL D 106 -13.84 -5.49 -1.49
N GLY D 107 -14.34 -6.48 -0.74
CA GLY D 107 -15.55 -6.35 0.03
C GLY D 107 -15.49 -5.28 1.10
N THR D 108 -14.40 -5.24 1.84
CA THR D 108 -14.20 -4.26 2.91
C THR D 108 -14.37 -2.83 2.42
N ILE D 109 -13.66 -2.49 1.35
CA ILE D 109 -13.74 -1.18 0.75
C ILE D 109 -15.11 -0.93 0.15
N PHE D 110 -15.67 -1.93 -0.53
CA PHE D 110 -17.00 -1.74 -1.10
C PHE D 110 -17.97 -1.42 0.01
N ASP D 111 -17.88 -2.17 1.11
CA ASP D 111 -18.82 -1.99 2.20
C ASP D 111 -18.68 -0.60 2.77
N ARG D 112 -17.46 -0.07 2.84
CA ARG D 112 -17.24 1.32 3.27
C ARG D 112 -17.98 2.35 2.44
N VAL D 113 -17.96 2.21 1.12
CA VAL D 113 -18.75 3.05 0.23
C VAL D 113 -20.23 2.99 0.59
N LEU D 114 -20.77 1.80 0.81
CA LEU D 114 -22.19 1.65 1.13
C LEU D 114 -22.53 2.19 2.49
N THR D 115 -21.62 2.03 3.44
CA THR D 115 -21.91 2.35 4.82
C THR D 115 -21.60 3.80 5.11
N GLU D 116 -20.45 4.25 4.64
CA GLU D 116 -19.95 5.57 4.99
C GLU D 116 -20.44 6.64 4.02
N LEU D 117 -20.76 6.27 2.78
CA LEU D 117 -21.26 7.26 1.85
C LEU D 117 -22.71 7.08 1.49
N VAL D 118 -23.02 6.01 0.77
CA VAL D 118 -24.38 5.76 0.33
C VAL D 118 -25.39 5.85 1.49
N ALA D 119 -25.24 5.01 2.51
CA ALA D 119 -26.16 5.05 3.67
C ALA D 119 -26.31 6.46 4.28
N LYS D 120 -25.22 7.17 4.52
CA LYS D 120 -25.28 8.46 5.16
C LYS D 120 -26.01 9.44 4.27
N MET D 121 -25.74 9.38 2.98
CA MET D 121 -26.46 10.18 1.99
C MET D 121 -27.96 9.90 2.04
N ARG D 122 -28.31 8.63 2.13
CA ARG D 122 -29.72 8.26 2.21
C ARG D 122 -30.40 8.77 3.46
N ASP D 123 -29.83 8.47 4.63
CA ASP D 123 -30.41 8.87 5.92
C ASP D 123 -30.68 10.37 6.04
N MET D 124 -29.78 11.16 5.48
CA MET D 124 -29.92 12.61 5.55
C MET D 124 -30.60 13.19 4.30
N LYS D 125 -30.98 12.30 3.37
CA LYS D 125 -31.52 12.68 2.07
C LYS D 125 -30.75 13.84 1.50
N MET D 126 -29.52 13.59 1.07
CA MET D 126 -28.71 14.65 0.48
C MET D 126 -29.37 15.21 -0.80
N ASP D 127 -29.45 16.54 -0.92
CA ASP D 127 -29.84 17.23 -2.18
C ASP D 127 -28.87 16.94 -3.28
N LYS D 128 -29.37 16.93 -4.52
CA LYS D 128 -28.58 17.18 -5.73
C LYS D 128 -27.78 18.46 -5.57
N THR D 129 -28.38 19.48 -4.96
CA THR D 129 -27.69 20.73 -4.77
C THR D 129 -26.54 20.58 -3.79
N GLU D 130 -26.77 19.85 -2.70
CA GLU D 130 -25.72 19.66 -1.70
C GLU D 130 -24.63 18.74 -2.24
N LEU D 131 -25.00 17.82 -3.13
CA LEU D 131 -24.04 16.96 -3.80
C LEU D 131 -23.09 17.85 -4.63
N GLY D 132 -23.68 18.67 -5.50
CA GLY D 132 -22.91 19.61 -6.32
C GLY D 132 -21.90 20.40 -5.52
N CYS D 133 -22.31 20.95 -4.39
CA CYS D 133 -21.42 21.79 -3.61
C CYS D 133 -20.27 20.98 -3.01
N LEU D 134 -20.58 19.79 -2.50
CA LEU D 134 -19.55 18.94 -1.88
C LEU D 134 -18.50 18.61 -2.93
N ARG D 135 -18.96 18.15 -4.10
CA ARG D 135 -18.08 17.86 -5.22
C ARG D 135 -17.26 19.09 -5.71
N ALA D 136 -17.85 20.27 -5.67
CA ALA D 136 -17.13 21.47 -6.00
C ALA D 136 -16.11 21.83 -4.94
N ILE D 137 -16.45 21.63 -3.67
CA ILE D 137 -15.46 21.76 -2.60
C ILE D 137 -14.25 20.83 -2.86
N VAL D 138 -14.56 19.58 -3.20
CA VAL D 138 -13.55 18.57 -3.54
C VAL D 138 -12.74 18.96 -4.77
N LEU D 139 -13.38 19.57 -5.77
CA LEU D 139 -12.68 19.98 -6.98
C LEU D 139 -11.74 21.15 -6.72
N PHE D 140 -12.20 22.12 -5.93
CA PHE D 140 -11.33 23.23 -5.52
C PHE D 140 -10.44 22.86 -4.36
N ASN D 141 -9.55 21.90 -4.58
CA ASN D 141 -8.64 21.44 -3.53
C ASN D 141 -7.40 22.28 -3.53
N PRO D 142 -7.27 23.15 -2.54
CA PRO D 142 -6.10 24.03 -2.49
C PRO D 142 -4.82 23.26 -2.17
N ASP D 143 -4.92 22.01 -1.73
CA ASP D 143 -3.74 21.19 -1.36
C ASP D 143 -3.10 20.45 -2.54
N ALA D 144 -3.73 20.53 -3.70
CA ALA D 144 -3.26 19.83 -4.87
C ALA D 144 -1.88 20.36 -5.21
N LYS D 145 -0.92 19.44 -5.41
CA LYS D 145 0.47 19.83 -5.64
C LYS D 145 0.62 20.41 -7.04
N GLY D 146 1.35 21.54 -7.14
CA GLY D 146 1.78 22.12 -8.41
C GLY D 146 0.93 23.28 -8.89
N LEU D 147 -0.03 23.69 -8.07
CA LEU D 147 -0.92 24.75 -8.44
C LEU D 147 -0.14 26.05 -8.54
N THR D 148 -0.36 26.79 -9.62
CA THR D 148 0.31 28.08 -9.79
C THR D 148 -0.21 29.03 -8.74
N ASP D 149 -1.50 28.89 -8.39
CA ASP D 149 -2.11 29.79 -7.43
C ASP D 149 -3.05 29.08 -6.46
N PRO D 150 -2.47 28.47 -5.40
CA PRO D 150 -3.30 27.81 -4.38
C PRO D 150 -4.29 28.77 -3.71
N SER D 151 -3.84 30.02 -3.46
CA SER D 151 -4.67 31.06 -2.83
C SER D 151 -5.97 31.33 -3.57
N LEU D 152 -5.91 31.38 -4.91
CA LEU D 152 -7.14 31.60 -5.66
C LEU D 152 -8.05 30.40 -5.57
N VAL D 153 -7.46 29.21 -5.58
CA VAL D 153 -8.23 27.99 -5.47
C VAL D 153 -8.90 27.90 -4.08
N GLU D 154 -8.17 28.35 -3.06
CA GLU D 154 -8.72 28.37 -1.70
C GLU D 154 -9.98 29.24 -1.64
N SER D 155 -9.92 30.41 -2.27
CA SER D 155 -11.02 31.36 -2.26
C SER D 155 -12.29 30.85 -2.94
N LEU D 156 -12.11 30.10 -4.03
CA LEU D 156 -13.25 29.48 -4.70
C LEU D 156 -13.89 28.39 -3.82
N ARG D 157 -13.09 27.59 -3.13
CA ARG D 157 -13.63 26.62 -2.17
C ARG D 157 -14.44 27.39 -1.11
N GLU D 158 -13.85 28.46 -0.57
CA GLU D 158 -14.53 29.40 0.35
C GLU D 158 -15.88 29.92 -0.14
N LYS D 159 -15.92 30.36 -1.39
CA LYS D 159 -17.17 30.78 -2.00
C LYS D 159 -18.15 29.63 -2.16
N VAL D 160 -17.65 28.41 -2.29
CA VAL D 160 -18.58 27.29 -2.41
C VAL D 160 -19.17 26.95 -1.05
N TYR D 161 -18.34 26.84 -0.02
CA TYR D 161 -18.90 26.44 1.25
C TYR D 161 -19.79 27.47 1.91
N ALA D 162 -19.42 28.75 1.85
CA ALA D 162 -20.31 29.79 2.38
C ALA D 162 -21.69 29.73 1.67
N SER D 163 -21.64 29.63 0.35
CA SER D 163 -22.83 29.47 -0.45
C SER D 163 -23.65 28.23 -0.07
N LEU D 164 -22.97 27.10 0.17
CA LEU D 164 -23.61 25.85 0.68
C LEU D 164 -24.31 26.06 2.02
N GLU D 165 -23.66 26.82 2.91
CA GLU D 165 -24.16 27.06 4.25
C GLU D 165 -25.47 27.86 4.26
N GLU D 166 -25.47 29.02 3.60
CA GLU D 166 -26.68 29.78 3.37
C GLU D 166 -27.78 28.88 2.81
N TYR D 167 -27.48 28.12 1.76
CA TYR D 167 -28.47 27.22 1.21
C TYR D 167 -29.05 26.21 2.22
N CYS D 168 -28.20 25.68 3.09
CA CYS D 168 -28.66 24.76 4.15
C CYS D 168 -29.50 25.44 5.20
N LYS D 169 -29.18 26.68 5.56
CA LYS D 169 -29.95 27.45 6.55
C LYS D 169 -31.29 27.89 5.97
N GLN D 170 -31.29 28.17 4.67
CA GLN D 170 -32.49 28.57 3.97
C GLN D 170 -33.46 27.41 3.74
N GLN D 171 -32.95 26.31 3.22
CA GLN D 171 -33.75 25.20 2.76
C GLN D 171 -34.03 24.11 3.84
N TYR D 172 -33.15 23.98 4.82
CA TYR D 172 -33.34 23.00 5.90
C TYR D 172 -33.19 23.64 7.27
N PRO D 173 -33.97 24.71 7.56
CA PRO D 173 -33.67 25.45 8.79
C PRO D 173 -33.92 24.61 10.04
N GLU D 174 -34.81 23.60 9.93
CA GLU D 174 -35.05 22.58 10.97
C GLU D 174 -33.81 21.84 11.49
N GLN D 175 -32.70 21.88 10.74
CA GLN D 175 -31.52 21.06 11.07
C GLN D 175 -30.26 21.92 11.18
N PRO D 176 -30.04 22.56 12.34
CA PRO D 176 -28.92 23.45 12.62
C PRO D 176 -27.56 22.93 12.17
N GLY D 177 -27.30 21.64 12.42
CA GLY D 177 -26.01 21.05 12.12
C GLY D 177 -25.84 20.30 10.80
N ARG D 178 -26.67 20.61 9.82
CA ARG D 178 -26.61 19.91 8.54
C ARG D 178 -25.38 20.28 7.69
N PHE D 179 -25.02 21.55 7.63
CA PHE D 179 -23.82 21.99 6.91
C PHE D 179 -22.60 21.16 7.34
N ALA D 180 -22.26 21.25 8.61
CA ALA D 180 -21.17 20.51 9.18
C ALA D 180 -21.28 19.00 8.86
N LYS D 181 -22.49 18.46 8.98
CA LYS D 181 -22.68 17.05 8.75
C LYS D 181 -22.28 16.68 7.32
N LEU D 182 -22.58 17.56 6.37
CA LEU D 182 -22.17 17.34 4.98
C LEU D 182 -20.65 17.46 4.83
N LEU D 183 -20.07 18.54 5.33
CA LEU D 183 -18.62 18.66 5.40
C LEU D 183 -17.93 17.41 5.97
N LEU D 184 -18.47 16.80 7.02
CA LEU D 184 -17.81 15.68 7.69
C LEU D 184 -17.98 14.38 6.95
N ARG D 185 -18.63 14.44 5.82
CA ARG D 185 -18.67 13.31 4.94
C ARG D 185 -17.41 13.30 4.05
N LEU D 186 -16.62 14.37 4.11
CA LEU D 186 -15.42 14.49 3.29
C LEU D 186 -14.17 13.69 3.72
N PRO D 187 -13.94 13.54 5.03
CA PRO D 187 -12.82 12.68 5.38
C PRO D 187 -13.03 11.24 4.94
N ALA D 188 -14.25 10.73 5.09
CA ALA D 188 -14.56 9.39 4.63
C ALA D 188 -14.35 9.31 3.12
N LEU D 189 -14.79 10.32 2.37
CA LEU D 189 -14.72 10.28 0.93
C LEU D 189 -13.24 10.27 0.52
N ARG D 190 -12.38 10.80 1.39
CA ARG D 190 -10.96 10.89 1.15
C ARG D 190 -10.28 9.55 1.44
N SER D 191 -10.67 8.90 2.54
CA SER D 191 -10.31 7.52 2.87
C SER D 191 -10.64 6.56 1.74
N ILE D 192 -11.95 6.42 1.46
CA ILE D 192 -12.41 5.53 0.43
C ILE D 192 -11.63 5.83 -0.86
N GLY D 193 -11.51 7.12 -1.20
CA GLY D 193 -10.84 7.57 -2.42
C GLY D 193 -9.46 6.98 -2.60
N LEU D 194 -8.68 6.99 -1.52
CA LEU D 194 -7.33 6.44 -1.52
C LEU D 194 -7.38 4.94 -1.60
N LYS D 195 -8.23 4.32 -0.82
CA LYS D 195 -8.26 2.88 -0.82
C LYS D 195 -8.67 2.32 -2.19
N CYS D 196 -9.59 3.00 -2.87
CA CYS D 196 -10.01 2.59 -4.20
C CYS D 196 -8.87 2.45 -5.20
N LEU D 197 -7.89 3.33 -5.08
CA LEU D 197 -6.72 3.38 -5.97
C LEU D 197 -5.80 2.17 -5.83
N GLU D 198 -6.00 1.31 -4.83
CA GLU D 198 -5.05 0.22 -4.68
C GLU D 198 -5.60 -1.17 -4.98
N HIS D 199 -6.68 -1.25 -5.74
CA HIS D 199 -7.24 -2.54 -6.11
C HIS D 199 -7.73 -2.44 -7.51
N LEU D 200 -7.19 -3.30 -8.35
CA LEU D 200 -7.45 -3.24 -9.77
C LEU D 200 -8.93 -3.32 -10.08
N PHE D 201 -9.71 -3.91 -9.16
CA PHE D 201 -11.13 -4.10 -9.38
C PHE D 201 -11.77 -2.78 -9.73
N PHE D 202 -11.37 -1.75 -8.99
CA PHE D 202 -11.98 -0.44 -9.07
C PHE D 202 -11.72 0.25 -10.37
N PHE D 203 -10.82 -0.28 -11.18
CA PHE D 203 -10.67 0.28 -12.48
C PHE D 203 -12.03 0.26 -13.21
N LYS D 204 -12.82 -0.77 -12.95
CA LYS D 204 -14.15 -0.94 -13.55
C LYS D 204 -15.13 0.14 -13.12
N LEU D 205 -14.85 0.81 -12.01
CA LEU D 205 -15.76 1.84 -11.53
C LEU D 205 -15.28 3.28 -11.80
N ILE D 206 -13.97 3.51 -11.82
CA ILE D 206 -13.47 4.87 -11.88
C ILE D 206 -12.37 5.11 -12.87
N GLY D 207 -12.03 4.11 -13.68
CA GLY D 207 -10.91 4.15 -14.62
C GLY D 207 -9.59 4.30 -13.87
N ASP D 208 -8.51 4.66 -14.54
CA ASP D 208 -7.31 5.05 -13.81
C ASP D 208 -7.05 6.55 -13.81
N THR D 209 -5.93 6.97 -13.22
CA THR D 209 -5.72 8.42 -13.15
C THR D 209 -5.60 9.06 -14.54
N PRO D 210 -6.39 10.11 -14.82
CA PRO D 210 -6.43 10.83 -16.10
C PRO D 210 -5.09 11.37 -16.46
N ILE D 211 -4.77 11.35 -17.75
CA ILE D 211 -3.46 11.82 -18.17
C ILE D 211 -3.54 13.28 -18.62
N ASP D 212 -2.54 14.07 -18.23
CA ASP D 212 -2.43 15.47 -18.64
C ASP D 212 -2.86 15.80 -20.07
N THR D 213 -2.07 15.37 -21.05
CA THR D 213 -2.38 15.58 -22.49
C THR D 213 -3.91 15.49 -22.75
N PHE D 214 -4.55 14.40 -22.34
CA PHE D 214 -5.99 14.18 -22.57
C PHE D 214 -6.88 15.22 -21.90
N LEU D 215 -6.69 15.47 -20.60
CA LEU D 215 -7.46 16.46 -19.87
C LEU D 215 -7.34 17.80 -20.59
N MET D 216 -6.12 18.12 -21.03
CA MET D 216 -5.83 19.35 -21.76
C MET D 216 -6.80 19.67 -22.92
N GLU D 217 -7.59 18.70 -23.40
CA GLU D 217 -8.84 19.06 -24.11
C GLU D 217 -10.04 19.41 -23.11
N MET D 218 -9.72 20.32 -22.18
CA MET D 218 -10.64 21.19 -21.46
C MET D 218 -10.51 22.52 -22.21
N LEU D 219 -9.59 22.56 -23.18
CA LEU D 219 -9.28 23.77 -23.99
C LEU D 219 -10.09 23.81 -25.29
#